data_4FYF
#
_entry.id   4FYF
#
_cell.length_a   71.835
_cell.length_b   115.709
_cell.length_c   125.114
_cell.angle_alpha   90.00
_cell.angle_beta   90.00
_cell.angle_gamma   90.00
#
_symmetry.space_group_name_H-M   'P 21 21 21'
#
loop_
_entity.id
_entity.type
_entity.pdbx_description
1 polymer 'SidF, inhibitor of growth family, member 3'
2 non-polymer 'PHOSPHATE ION'
3 non-polymer 'MERCURY (II) ION'
4 water water
#
_entity_poly.entity_id   1
_entity_poly.type   'polypeptide(L)'
_entity_poly.pdbx_seq_one_letter_code
;SMPRITENIETYVTHLLSDLEPVPSQNQHLAYGYPGERQVFKDPMLDGKQVVVVNSQYDKHGRPVTGQPDVIQEANNYID
NLVAAAKSLIDKDKKGEKDLRKNAIDEMAKTFKKSISETIPSDKAKADLFSSKKSSANKDFLEQLAKVEGSLQQFTQAVA
KASGHKLKALDKEGHNIRSHNRDTLIHRFKAPNSKEGEEQFIMYIPCGRYTKRQQRLMGKDESEVNRDHDTTSHKRSDLV
LGNSSMARMIAGTRHSDGTVTIHHDSFSGPGARMPYSDFKGADDYKKLAIKAVTLINQEEVIQTLAQRQIDRMTNEDLWN
KIPEEYRPDELPPDAEKARAQLIKLYVEHNPLSVTECYTQVVTAGQRVAAENQKEQFEYVRQMMDAFDGSKAKITIQTGS
NTEVETAVGYQARMSSWGVNWFRQVGALNPLSDNSVTKNQNARFVNQMTDDVIRNLDKVAQNLGDYDKAGALHTLLKGPD
VSDLNQQITEKENALKEVKGAYREALFSYFEEYQKGEGKWDQAKLDQLKNQVDGYEKSIKKQESAIYELHNQIDALRKAY
YTEHKGQINKALQELKEQISPVIQNKETDPETKSRLQHFYNSCAYLTQAQELYYENTWHHGKNNFKLQTLMASLSCELDY
ANTKGSKSNNDRGQRLAQKIVGNALWTAMSEDGLYTGEFLDHRRTHGKEVSNVEQLDRELTTIQALHHTANTGVSGGKFE
IQDKANFADNGLFGKVANFAKIKEMGPENAFTKNMGTKIKA
;
_entity_poly.pdbx_strand_id   A
#
# COMPACT_ATOMS: atom_id res chain seq x y z
N ARG A 4 11.71 -7.06 9.17
CA ARG A 4 12.19 -7.39 7.78
C ARG A 4 13.57 -8.07 7.99
N ILE A 5 14.20 -8.62 6.93
CA ILE A 5 15.40 -9.53 7.09
C ILE A 5 16.70 -8.91 7.65
N THR A 6 16.62 -7.63 8.01
CA THR A 6 17.73 -6.78 8.51
C THR A 6 18.93 -6.63 7.55
N GLU A 7 18.79 -7.17 6.34
CA GLU A 7 19.64 -6.83 5.23
C GLU A 7 19.17 -5.50 4.60
N ASN A 8 20.12 -4.76 4.07
CA ASN A 8 19.85 -3.56 3.35
C ASN A 8 18.95 -3.84 2.12
N ILE A 9 17.97 -2.97 1.89
CA ILE A 9 16.94 -3.31 0.97
C ILE A 9 17.45 -3.36 -0.48
N GLU A 10 18.37 -2.48 -0.80
CA GLU A 10 18.95 -2.51 -2.10
C GLU A 10 19.67 -3.86 -2.34
N THR A 11 20.51 -4.29 -1.41
CA THR A 11 21.17 -5.55 -1.64
C THR A 11 20.13 -6.69 -1.75
N TYR A 12 19.12 -6.70 -0.88
CA TYR A 12 18.07 -7.73 -0.99
C TYR A 12 17.31 -7.75 -2.35
N VAL A 13 16.96 -6.59 -2.88
CA VAL A 13 16.38 -6.49 -4.18
C VAL A 13 17.36 -7.04 -5.24
N THR A 14 18.62 -6.62 -5.18
CA THR A 14 19.67 -7.14 -6.07
C THR A 14 19.57 -8.69 -6.16
N HIS A 15 19.63 -9.36 -5.01
CA HIS A 15 19.52 -10.82 -4.96
C HIS A 15 18.21 -11.40 -5.46
N LEU A 16 17.11 -10.68 -5.31
CA LEU A 16 15.82 -11.21 -5.72
C LEU A 16 15.71 -11.34 -7.25
N LEU A 17 16.55 -10.56 -7.93
CA LEU A 17 16.59 -10.46 -9.36
C LEU A 17 17.69 -11.38 -9.95
N SER A 18 18.34 -12.13 -9.08
CA SER A 18 19.38 -13.12 -9.38
C SER A 18 18.82 -14.33 -10.08
N ASP A 19 19.76 -15.25 -10.37
CA ASP A 19 19.39 -16.63 -10.62
C ASP A 19 18.89 -17.33 -9.34
N LEU A 20 17.59 -17.63 -9.28
CA LEU A 20 17.05 -18.31 -8.10
C LEU A 20 16.74 -19.79 -8.35
N GLU A 21 16.62 -20.55 -7.26
CA GLU A 21 16.33 -21.98 -7.34
C GLU A 21 14.84 -22.19 -7.63
N PRO A 22 14.48 -23.02 -8.63
CA PRO A 22 13.06 -23.26 -8.91
C PRO A 22 12.43 -24.10 -7.83
N VAL A 23 11.11 -23.98 -7.71
CA VAL A 23 10.33 -24.76 -6.74
C VAL A 23 9.35 -25.61 -7.53
N PRO A 24 9.33 -26.92 -7.25
CA PRO A 24 8.38 -27.84 -7.92
C PRO A 24 6.96 -27.56 -7.42
N SER A 25 5.97 -27.74 -8.28
CA SER A 25 4.55 -27.46 -7.98
C SER A 25 4.04 -27.93 -6.62
N GLN A 26 4.36 -29.19 -6.29
CA GLN A 26 3.84 -29.82 -5.06
C GLN A 26 4.40 -29.18 -3.78
N ASN A 27 5.41 -28.32 -3.95
CA ASN A 27 6.02 -27.59 -2.86
C ASN A 27 5.69 -26.12 -2.85
N GLN A 28 4.74 -25.67 -3.65
CA GLN A 28 4.39 -24.24 -3.68
C GLN A 28 3.49 -23.95 -2.47
N HIS A 29 3.47 -22.72 -1.93
CA HIS A 29 2.54 -22.39 -0.85
C HIS A 29 1.13 -22.15 -1.32
N LEU A 30 0.93 -22.13 -2.62
CA LEU A 30 -0.29 -21.58 -3.19
C LEU A 30 -0.30 -21.91 -4.65
N ALA A 31 -1.48 -22.18 -5.21
CA ALA A 31 -1.59 -22.31 -6.66
C ALA A 31 -1.80 -20.96 -7.39
N TYR A 32 -0.90 -20.65 -8.30
CA TYR A 32 -0.90 -19.43 -9.13
C TYR A 32 -1.28 -19.60 -10.60
N GLY A 33 -1.24 -20.86 -11.08
CA GLY A 33 -1.52 -21.22 -12.45
C GLY A 33 -0.65 -20.49 -13.47
N TYR A 34 -1.12 -20.41 -14.73
CA TYR A 34 -0.31 -19.93 -15.82
C TYR A 34 1.14 -20.54 -15.77
N PRO A 35 1.26 -21.87 -15.83
CA PRO A 35 2.63 -22.42 -15.78
C PRO A 35 3.58 -21.85 -16.89
N GLY A 36 4.86 -21.73 -16.58
CA GLY A 36 5.78 -21.10 -17.52
C GLY A 36 5.68 -19.59 -17.56
N GLU A 37 4.56 -18.98 -17.12
CA GLU A 37 4.54 -17.52 -17.00
C GLU A 37 4.84 -17.06 -15.52
N ARG A 38 4.07 -17.62 -14.58
CA ARG A 38 4.19 -17.39 -13.13
C ARG A 38 5.14 -18.43 -12.54
N GLN A 39 6.43 -18.12 -12.68
CA GLN A 39 7.46 -19.05 -12.20
C GLN A 39 7.75 -18.87 -10.71
N VAL A 40 7.92 -19.99 -10.03
CA VAL A 40 8.05 -19.96 -8.61
C VAL A 40 9.46 -20.39 -8.19
N PHE A 41 10.01 -19.70 -7.19
CA PHE A 41 11.41 -19.92 -6.78
C PHE A 41 11.59 -19.79 -5.27
N LYS A 42 12.66 -20.36 -4.75
CA LYS A 42 13.07 -20.09 -3.33
C LYS A 42 13.64 -18.65 -3.15
N ASP A 43 13.37 -18.06 -1.99
CA ASP A 43 13.91 -16.73 -1.65
C ASP A 43 15.42 -16.82 -1.47
N PRO A 44 16.16 -15.84 -2.01
CA PRO A 44 17.62 -15.97 -1.89
C PRO A 44 18.13 -15.82 -0.46
N MET A 45 17.32 -15.39 0.47
CA MET A 45 17.86 -15.02 1.76
C MET A 45 17.10 -15.65 2.88
N LEU A 46 15.77 -15.77 2.78
CA LEU A 46 15.03 -16.36 3.89
C LEU A 46 14.59 -17.80 3.64
N ASP A 47 14.94 -18.68 4.59
CA ASP A 47 14.59 -20.09 4.53
C ASP A 47 13.08 -20.26 4.60
N GLY A 48 12.54 -21.17 3.77
CA GLY A 48 11.08 -21.40 3.66
C GLY A 48 10.20 -20.30 3.01
N LYS A 49 10.84 -19.24 2.53
CA LYS A 49 10.16 -18.19 1.76
C LYS A 49 10.35 -18.38 0.25
N GLN A 50 9.33 -17.96 -0.51
CA GLN A 50 9.25 -18.16 -1.95
C GLN A 50 9.02 -16.85 -2.69
N VAL A 51 9.33 -16.90 -3.98
CA VAL A 51 9.25 -15.75 -4.85
C VAL A 51 8.51 -16.17 -6.14
N VAL A 52 7.50 -15.39 -6.55
CA VAL A 52 6.88 -15.61 -7.81
C VAL A 52 7.33 -14.52 -8.76
N VAL A 53 7.91 -14.87 -9.89
CA VAL A 53 8.40 -13.88 -10.87
C VAL A 53 7.68 -14.06 -12.25
N VAL A 54 7.23 -12.96 -12.86
CA VAL A 54 6.71 -12.95 -14.20
C VAL A 54 7.58 -12.05 -15.12
N ASN A 55 8.03 -12.60 -16.24
CA ASN A 55 8.63 -11.81 -17.32
C ASN A 55 7.63 -11.52 -18.41
N SER A 56 7.47 -10.26 -18.76
CA SER A 56 6.63 -9.99 -19.89
C SER A 56 7.05 -10.74 -21.18
N GLN A 57 6.06 -11.29 -21.90
CA GLN A 57 6.26 -11.72 -23.28
CA GLN A 57 6.23 -11.79 -23.29
C GLN A 57 5.21 -11.06 -24.18
N TYR A 58 5.43 -11.00 -25.48
CA TYR A 58 4.58 -10.24 -26.37
C TYR A 58 4.29 -11.01 -27.62
N ASP A 59 3.21 -10.68 -28.32
CA ASP A 59 2.85 -11.34 -29.57
C ASP A 59 3.51 -10.60 -30.72
N LYS A 60 3.30 -11.09 -31.96
CA LYS A 60 3.98 -10.52 -33.13
CA LYS A 60 3.92 -10.54 -33.16
C LYS A 60 3.70 -9.03 -33.33
N HIS A 61 2.64 -8.53 -32.69
CA HIS A 61 2.23 -7.12 -32.76
C HIS A 61 2.77 -6.27 -31.64
N GLY A 62 3.47 -6.87 -30.68
CA GLY A 62 4.00 -6.11 -29.55
C GLY A 62 2.95 -5.93 -28.45
N ARG A 63 1.88 -6.71 -28.49
CA ARG A 63 0.81 -6.66 -27.48
C ARG A 63 1.18 -7.73 -26.46
N PRO A 64 1.03 -7.44 -25.17
CA PRO A 64 1.41 -8.50 -24.21
C PRO A 64 0.58 -9.84 -24.28
N VAL A 65 1.25 -10.94 -23.98
CA VAL A 65 0.67 -12.25 -23.95
C VAL A 65 0.61 -12.70 -22.47
N THR A 66 1.56 -12.25 -21.65
CA THR A 66 1.52 -12.37 -20.22
C THR A 66 0.50 -11.38 -19.62
N GLY A 67 0.16 -11.59 -18.36
CA GLY A 67 -0.86 -10.74 -17.69
C GLY A 67 -2.26 -10.71 -18.34
N GLN A 68 -2.61 -11.76 -19.03
CA GLN A 68 -3.87 -11.78 -19.76
C GLN A 68 -4.76 -12.82 -19.04
N PRO A 69 -6.00 -12.45 -18.67
CA PRO A 69 -6.88 -13.46 -18.00
C PRO A 69 -7.18 -14.69 -18.82
N ASP A 70 -7.07 -15.86 -18.21
CA ASP A 70 -7.40 -17.10 -18.90
C ASP A 70 -8.29 -17.89 -17.95
N VAL A 71 -9.56 -18.16 -18.32
CA VAL A 71 -10.54 -18.77 -17.37
C VAL A 71 -10.28 -20.18 -16.94
N ILE A 72 -9.65 -20.95 -17.83
CA ILE A 72 -9.15 -22.24 -17.42
C ILE A 72 -8.18 -22.12 -16.24
N GLN A 73 -7.11 -21.33 -16.40
CA GLN A 73 -6.13 -21.11 -15.33
C GLN A 73 -6.77 -20.62 -14.02
N GLU A 74 -7.66 -19.64 -14.15
CA GLU A 74 -8.35 -19.08 -13.00
C GLU A 74 -9.26 -20.13 -12.36
N ALA A 75 -9.93 -20.95 -13.20
CA ALA A 75 -10.75 -22.05 -12.68
C ALA A 75 -9.86 -23.01 -11.86
N ASN A 76 -8.67 -23.31 -12.37
CA ASN A 76 -7.71 -24.19 -11.70
C ASN A 76 -7.21 -23.60 -10.39
N ASN A 77 -6.89 -22.29 -10.40
CA ASN A 77 -6.50 -21.58 -9.21
C ASN A 77 -7.54 -21.64 -8.12
N TYR A 78 -8.79 -21.33 -8.50
CA TYR A 78 -9.88 -21.41 -7.60
C TYR A 78 -10.09 -22.80 -7.05
N ILE A 79 -10.18 -23.84 -7.90
CA ILE A 79 -10.32 -25.23 -7.43
C ILE A 79 -9.23 -25.58 -6.40
N ASP A 80 -7.98 -25.35 -6.77
CA ASP A 80 -6.87 -25.79 -5.96
C ASP A 80 -6.81 -25.03 -4.64
N ASN A 81 -7.07 -23.73 -4.69
CA ASN A 81 -6.90 -22.92 -3.48
C ASN A 81 -8.04 -23.21 -2.48
N LEU A 82 -9.23 -23.52 -2.99
CA LEU A 82 -10.32 -23.92 -2.15
C LEU A 82 -10.02 -25.32 -1.59
N VAL A 83 -9.43 -26.24 -2.40
CA VAL A 83 -9.06 -27.56 -1.85
C VAL A 83 -8.09 -27.42 -0.67
N ALA A 84 -7.18 -26.45 -0.71
CA ALA A 84 -6.24 -26.34 0.44
C ALA A 84 -7.00 -25.85 1.67
N ALA A 85 -7.86 -24.85 1.50
CA ALA A 85 -8.67 -24.41 2.64
C ALA A 85 -9.50 -25.55 3.26
N ALA A 86 -10.24 -26.27 2.40
CA ALA A 86 -10.96 -27.46 2.79
C ALA A 86 -10.11 -28.45 3.59
N LYS A 87 -8.89 -28.77 3.13
CA LYS A 87 -8.15 -29.87 3.80
C LYS A 87 -7.66 -29.38 5.17
N SER A 88 -7.46 -28.08 5.26
CA SER A 88 -6.96 -27.42 6.47
C SER A 88 -8.09 -27.46 7.48
N LEU A 89 -9.27 -27.00 7.08
CA LEU A 89 -10.43 -27.14 7.96
C LEU A 89 -10.64 -28.57 8.45
N ILE A 90 -10.68 -29.55 7.53
CA ILE A 90 -10.93 -30.93 7.98
C ILE A 90 -9.82 -31.54 8.89
N ASP A 91 -8.57 -31.09 8.70
CA ASP A 91 -7.45 -31.57 9.53
C ASP A 91 -7.61 -31.06 10.98
N LYS A 92 -7.95 -29.79 11.13
CA LYS A 92 -8.08 -29.24 12.46
C LYS A 92 -9.44 -29.51 13.12
N ASP A 93 -10.40 -30.11 12.43
CA ASP A 93 -11.73 -30.24 13.01
C ASP A 93 -11.87 -31.47 13.91
N LYS A 94 -12.97 -31.55 14.66
CA LYS A 94 -13.18 -32.67 15.58
C LYS A 94 -13.72 -33.94 14.92
N LYS A 95 -14.47 -33.78 13.83
CA LYS A 95 -15.21 -34.89 13.24
C LYS A 95 -14.21 -35.88 12.63
N GLY A 96 -14.56 -37.17 12.63
CA GLY A 96 -13.70 -38.22 12.07
C GLY A 96 -13.75 -38.31 10.55
N GLU A 97 -13.26 -39.43 10.01
CA GLU A 97 -13.33 -39.72 8.57
C GLU A 97 -12.64 -38.62 7.77
N LYS A 98 -11.49 -38.20 8.28
CA LYS A 98 -10.77 -37.10 7.71
C LYS A 98 -10.27 -37.38 6.31
N ASP A 99 -9.66 -38.55 6.15
CA ASP A 99 -9.11 -38.96 4.86
C ASP A 99 -10.22 -39.24 3.88
N LEU A 100 -11.24 -39.95 4.29
CA LEU A 100 -12.35 -40.20 3.40
C LEU A 100 -12.86 -38.87 2.79
N ARG A 101 -12.95 -37.83 3.63
CA ARG A 101 -13.47 -36.55 3.19
C ARG A 101 -12.46 -35.83 2.27
N LYS A 102 -11.17 -35.85 2.65
CA LYS A 102 -10.12 -35.23 1.84
C LYS A 102 -9.96 -35.81 0.46
N ASN A 103 -10.01 -37.14 0.38
CA ASN A 103 -9.93 -37.84 -0.89
C ASN A 103 -11.15 -37.59 -1.71
N ALA A 104 -12.30 -37.41 -1.07
CA ALA A 104 -13.52 -37.12 -1.84
C ALA A 104 -13.44 -35.75 -2.48
N ILE A 105 -12.83 -34.79 -1.78
CA ILE A 105 -12.61 -33.43 -2.24
C ILE A 105 -11.68 -33.49 -3.49
N ASP A 106 -10.49 -34.11 -3.33
CA ASP A 106 -9.60 -34.41 -4.46
C ASP A 106 -10.37 -34.96 -5.65
N GLU A 107 -11.12 -36.01 -5.38
CA GLU A 107 -11.88 -36.64 -6.46
C GLU A 107 -12.80 -35.66 -7.21
N MET A 108 -13.48 -34.78 -6.48
CA MET A 108 -14.36 -33.78 -7.10
C MET A 108 -13.59 -32.70 -7.85
N ALA A 109 -12.38 -32.40 -7.37
CA ALA A 109 -11.54 -31.41 -8.03
C ALA A 109 -11.08 -31.93 -9.40
N LYS A 110 -10.65 -33.22 -9.45
CA LYS A 110 -10.28 -33.90 -10.71
C LYS A 110 -11.47 -33.86 -11.65
N THR A 111 -12.64 -34.19 -11.15
CA THR A 111 -13.76 -34.19 -12.04
C THR A 111 -14.18 -32.81 -12.55
N PHE A 112 -14.05 -31.79 -11.72
CA PHE A 112 -14.41 -30.48 -12.15
C PHE A 112 -13.39 -29.90 -13.17
N LYS A 113 -12.10 -30.13 -12.92
CA LYS A 113 -11.06 -29.70 -13.87
C LYS A 113 -11.23 -30.32 -15.22
N LYS A 114 -11.42 -31.65 -15.24
CA LYS A 114 -11.57 -32.33 -16.50
C LYS A 114 -12.81 -31.81 -17.26
N SER A 115 -13.93 -31.68 -16.58
CA SER A 115 -15.17 -31.20 -17.22
C SER A 115 -15.02 -29.76 -17.74
N ILE A 116 -14.26 -28.93 -17.02
CA ILE A 116 -14.02 -27.57 -17.50
C ILE A 116 -13.22 -27.62 -18.83
N SER A 117 -12.16 -28.43 -18.85
CA SER A 117 -11.33 -28.60 -20.02
C SER A 117 -12.04 -29.25 -21.19
N GLU A 118 -13.05 -30.10 -20.96
CA GLU A 118 -13.75 -30.65 -22.10
C GLU A 118 -14.79 -29.69 -22.65
N THR A 119 -15.09 -28.59 -21.92
CA THR A 119 -16.24 -27.70 -22.21
C THR A 119 -15.85 -26.28 -22.60
N ILE A 120 -14.69 -25.83 -22.11
CA ILE A 120 -14.18 -24.52 -22.49
C ILE A 120 -13.10 -24.73 -23.56
N PRO A 121 -13.36 -24.26 -24.79
CA PRO A 121 -12.25 -24.28 -25.77
C PRO A 121 -11.19 -23.26 -25.40
N SER A 122 -9.93 -23.65 -25.42
CA SER A 122 -8.77 -22.75 -25.32
C SER A 122 -8.81 -21.52 -26.20
N ASP A 123 -9.23 -21.64 -27.45
CA ASP A 123 -9.24 -20.47 -28.31
C ASP A 123 -10.25 -19.40 -27.85
N LYS A 124 -11.12 -19.70 -26.87
CA LYS A 124 -12.14 -18.76 -26.37
C LYS A 124 -11.94 -18.42 -24.91
N ALA A 125 -10.99 -19.08 -24.24
CA ALA A 125 -10.82 -18.96 -22.80
C ALA A 125 -10.03 -17.76 -22.35
N LYS A 126 -9.43 -17.02 -23.27
CA LYS A 126 -8.52 -15.98 -22.87
C LYS A 126 -9.04 -14.66 -23.21
N ALA A 127 -8.78 -13.68 -22.37
CA ALA A 127 -9.25 -12.35 -22.64
C ALA A 127 -8.12 -11.52 -23.28
N ASP A 128 -8.44 -10.42 -23.94
CA ASP A 128 -7.46 -9.38 -24.20
C ASP A 128 -7.88 -8.10 -23.46
N LEU A 129 -7.08 -7.74 -22.47
CA LEU A 129 -7.23 -6.52 -21.66
C LEU A 129 -7.23 -5.21 -22.45
N PHE A 130 -6.54 -5.21 -23.59
CA PHE A 130 -6.15 -3.93 -24.24
C PHE A 130 -6.95 -3.61 -25.48
N SER A 131 -8.04 -4.33 -25.56
CA SER A 131 -9.07 -4.30 -26.56
C SER A 131 -10.43 -3.94 -25.92
N SER A 132 -11.44 -3.68 -26.73
CA SER A 132 -12.81 -3.49 -26.25
C SER A 132 -13.43 -4.76 -25.66
N LYS A 133 -14.14 -4.59 -24.54
CA LYS A 133 -14.83 -5.68 -23.85
C LYS A 133 -15.90 -6.16 -24.79
N LYS A 134 -16.33 -5.32 -25.72
CA LYS A 134 -17.35 -5.70 -26.68
C LYS A 134 -16.85 -6.34 -27.98
N SER A 135 -15.55 -6.61 -28.10
CA SER A 135 -15.05 -7.36 -29.29
C SER A 135 -15.62 -8.78 -29.31
N SER A 136 -15.66 -9.39 -30.47
CA SER A 136 -16.27 -10.73 -30.55
C SER A 136 -15.46 -11.69 -29.65
N ALA A 137 -14.15 -11.52 -29.67
CA ALA A 137 -13.24 -12.38 -28.95
C ALA A 137 -13.40 -12.22 -27.42
N ASN A 138 -13.51 -10.98 -26.96
CA ASN A 138 -13.81 -10.76 -25.58
C ASN A 138 -15.26 -11.16 -25.17
N LYS A 139 -16.25 -10.96 -26.04
CA LYS A 139 -17.59 -11.46 -25.80
C LYS A 139 -17.52 -12.98 -25.70
N ASP A 140 -16.66 -13.63 -26.49
CA ASP A 140 -16.45 -15.09 -26.30
C ASP A 140 -15.80 -15.51 -24.98
N PHE A 141 -14.79 -14.76 -24.54
CA PHE A 141 -14.27 -14.93 -23.21
C PHE A 141 -15.33 -14.76 -22.13
N LEU A 142 -16.22 -13.73 -22.25
CA LEU A 142 -17.26 -13.50 -21.19
C LEU A 142 -18.17 -14.68 -21.09
N GLU A 143 -18.40 -15.32 -22.24
CA GLU A 143 -19.38 -16.34 -22.31
C GLU A 143 -18.80 -17.59 -21.67
N GLN A 144 -17.49 -17.80 -21.82
CA GLN A 144 -16.86 -18.93 -21.23
C GLN A 144 -16.86 -18.76 -19.70
N LEU A 145 -16.60 -17.52 -19.30
CA LEU A 145 -16.48 -17.14 -17.93
C LEU A 145 -17.76 -17.45 -17.13
N ALA A 146 -18.93 -17.06 -17.70
CA ALA A 146 -20.23 -17.33 -17.13
C ALA A 146 -20.43 -18.85 -17.02
N LYS A 147 -20.00 -19.60 -18.03
CA LYS A 147 -20.03 -21.05 -17.94
C LYS A 147 -19.24 -21.60 -16.75
N VAL A 148 -18.01 -21.15 -16.60
CA VAL A 148 -17.10 -21.63 -15.59
C VAL A 148 -17.59 -21.25 -14.14
N GLU A 149 -18.06 -20.01 -14.00
CA GLU A 149 -18.72 -19.52 -12.80
C GLU A 149 -19.78 -20.52 -12.36
N GLY A 150 -20.70 -20.85 -13.26
CA GLY A 150 -21.62 -21.97 -13.05
C GLY A 150 -20.96 -23.24 -12.49
N SER A 151 -19.90 -23.77 -13.14
CA SER A 151 -19.18 -24.94 -12.61
C SER A 151 -18.52 -24.71 -11.24
N LEU A 152 -17.92 -23.54 -11.07
CA LEU A 152 -17.36 -23.19 -9.77
C LEU A 152 -18.40 -23.14 -8.58
N GLN A 153 -19.62 -22.60 -8.76
CA GLN A 153 -20.61 -22.69 -7.68
C GLN A 153 -20.94 -24.17 -7.42
N GLN A 154 -21.12 -24.99 -8.45
CA GLN A 154 -21.27 -26.41 -8.22
C GLN A 154 -20.11 -27.00 -7.47
N PHE A 155 -18.89 -26.71 -7.88
CA PHE A 155 -17.78 -27.35 -7.20
C PHE A 155 -17.79 -26.96 -5.73
N THR A 156 -18.07 -25.69 -5.47
CA THR A 156 -17.92 -25.17 -4.11
C THR A 156 -19.08 -25.61 -3.22
N GLN A 157 -20.27 -25.67 -3.80
CA GLN A 157 -21.33 -26.31 -3.05
C GLN A 157 -20.92 -27.76 -2.60
N ALA A 158 -20.38 -28.56 -3.53
CA ALA A 158 -20.02 -29.97 -3.27
C ALA A 158 -18.93 -30.07 -2.19
N VAL A 159 -17.98 -29.15 -2.22
CA VAL A 159 -16.93 -29.02 -1.22
C VAL A 159 -17.50 -28.76 0.18
N ALA A 160 -18.52 -27.89 0.30
CA ALA A 160 -19.10 -27.57 1.58
C ALA A 160 -19.80 -28.78 2.13
N LYS A 161 -20.51 -29.49 1.24
CA LYS A 161 -21.25 -30.68 1.64
C LYS A 161 -20.26 -31.72 2.12
N ALA A 162 -19.29 -32.09 1.29
CA ALA A 162 -18.29 -33.11 1.68
C ALA A 162 -17.44 -32.77 2.93
N SER A 163 -17.00 -31.52 3.04
CA SER A 163 -16.02 -31.21 4.08
C SER A 163 -16.68 -31.01 5.46
N GLY A 164 -17.95 -30.58 5.45
CA GLY A 164 -18.72 -30.38 6.68
C GLY A 164 -18.59 -28.93 7.15
N HIS A 165 -18.01 -28.09 6.29
CA HIS A 165 -17.84 -26.70 6.66
C HIS A 165 -18.63 -25.79 5.77
N LYS A 166 -18.98 -24.61 6.28
CA LYS A 166 -19.83 -23.76 5.49
C LYS A 166 -18.98 -22.89 4.56
N LEU A 167 -19.65 -22.29 3.60
CA LEU A 167 -19.04 -21.37 2.69
C LEU A 167 -18.15 -20.35 3.41
N LYS A 168 -18.74 -19.57 4.33
CA LYS A 168 -18.06 -18.56 5.13
C LYS A 168 -16.78 -19.10 5.79
N ALA A 169 -16.82 -20.30 6.36
CA ALA A 169 -15.69 -20.82 7.12
C ALA A 169 -14.56 -21.23 6.21
N LEU A 170 -14.91 -21.76 5.05
CA LEU A 170 -13.94 -22.12 4.00
C LEU A 170 -13.20 -20.88 3.49
N ASP A 171 -13.95 -19.79 3.32
CA ASP A 171 -13.41 -18.54 2.84
C ASP A 171 -12.48 -17.96 3.87
N LYS A 172 -12.94 -17.95 5.13
CA LYS A 172 -12.14 -17.51 6.27
C LYS A 172 -10.84 -18.28 6.31
N GLU A 173 -10.93 -19.60 6.30
CA GLU A 173 -9.72 -20.41 6.35
C GLU A 173 -8.80 -20.17 5.18
N GLY A 174 -9.40 -19.87 4.03
CA GLY A 174 -8.63 -19.49 2.84
C GLY A 174 -7.70 -18.28 3.06
N HIS A 175 -8.29 -17.15 3.50
CA HIS A 175 -7.53 -15.92 3.84
C HIS A 175 -6.51 -16.21 4.93
N ASN A 176 -6.94 -17.01 5.89
CA ASN A 176 -6.09 -17.49 6.93
C ASN A 176 -4.77 -18.12 6.48
N ILE A 177 -4.79 -19.10 5.59
CA ILE A 177 -3.55 -19.85 5.31
C ILE A 177 -2.66 -19.17 4.27
N ARG A 178 -3.26 -18.22 3.57
CA ARG A 178 -2.55 -17.54 2.51
C ARG A 178 -1.67 -16.48 3.09
N SER A 179 -2.24 -15.68 4.00
CA SER A 179 -1.48 -14.67 4.75
C SER A 179 -0.59 -15.24 5.85
N HIS A 180 -0.44 -16.55 5.93
CA HIS A 180 0.40 -17.20 6.94
C HIS A 180 1.79 -17.36 6.38
N ASN A 181 1.91 -17.51 5.06
CA ASN A 181 3.25 -17.64 4.47
C ASN A 181 3.38 -16.93 3.12
N ARG A 182 3.31 -15.60 3.14
CA ARG A 182 3.14 -14.81 1.89
C ARG A 182 4.40 -14.72 0.99
N ASP A 183 4.22 -14.82 -0.31
CA ASP A 183 5.34 -14.81 -1.21
C ASP A 183 5.77 -13.42 -1.69
N THR A 184 7.05 -13.22 -2.00
CA THR A 184 7.45 -12.03 -2.75
C THR A 184 6.97 -12.11 -4.20
N LEU A 185 6.48 -11.01 -4.75
CA LEU A 185 5.99 -11.07 -6.11
C LEU A 185 6.70 -10.02 -6.95
N ILE A 186 7.15 -10.46 -8.11
CA ILE A 186 7.97 -9.68 -8.97
C ILE A 186 7.48 -9.68 -10.43
N HIS A 187 7.48 -8.50 -11.04
CA HIS A 187 7.26 -8.42 -12.46
C HIS A 187 8.41 -7.72 -13.13
N ARG A 188 9.02 -8.39 -14.11
CA ARG A 188 10.13 -7.81 -14.87
C ARG A 188 9.70 -7.54 -16.31
N PHE A 189 10.10 -6.39 -16.85
CA PHE A 189 9.75 -6.01 -18.22
C PHE A 189 10.66 -4.86 -18.62
N LYS A 190 10.91 -4.68 -19.92
CA LYS A 190 11.59 -3.48 -20.41
C LYS A 190 10.57 -2.39 -20.70
N ALA A 191 10.59 -1.32 -19.93
CA ALA A 191 9.74 -0.16 -20.17
C ALA A 191 10.07 0.49 -21.54
N PRO A 192 9.12 1.25 -22.12
CA PRO A 192 9.46 2.05 -23.28
C PRO A 192 10.74 2.85 -23.04
N ASN A 193 11.55 2.90 -24.11
CA ASN A 193 12.85 3.58 -24.12
CA ASN A 193 12.86 3.57 -24.12
C ASN A 193 13.89 3.07 -23.08
N SER A 194 13.77 1.81 -22.69
CA SER A 194 14.77 1.27 -21.79
C SER A 194 16.06 1.23 -22.56
N LYS A 195 17.17 1.35 -21.82
CA LYS A 195 18.50 1.29 -22.40
C LYS A 195 18.85 -0.16 -22.67
N GLU A 196 19.85 -0.30 -23.55
CA GLU A 196 20.45 -1.53 -24.00
C GLU A 196 20.87 -2.49 -22.88
N GLY A 197 20.37 -3.72 -22.87
CA GLY A 197 20.70 -4.68 -21.79
C GLY A 197 20.18 -4.29 -20.40
N GLU A 198 19.29 -3.30 -20.33
CA GLU A 198 18.67 -2.91 -19.06
C GLU A 198 17.20 -3.36 -18.99
N GLU A 199 16.66 -3.48 -17.78
CA GLU A 199 15.23 -3.81 -17.62
C GLU A 199 14.60 -3.17 -16.39
N GLN A 200 13.29 -2.96 -16.41
CA GLN A 200 12.65 -2.43 -15.24
C GLN A 200 11.99 -3.56 -14.45
N PHE A 201 11.59 -3.25 -13.21
CA PHE A 201 10.93 -4.22 -12.34
C PHE A 201 10.05 -3.55 -11.28
N ILE A 202 9.01 -4.26 -10.82
CA ILE A 202 8.18 -3.92 -9.68
C ILE A 202 8.00 -5.17 -8.81
N MET A 203 8.22 -5.00 -7.50
CA MET A 203 8.02 -6.10 -6.55
C MET A 203 7.17 -5.70 -5.32
N TYR A 204 6.38 -6.67 -4.86
CA TYR A 204 5.70 -6.62 -3.59
C TYR A 204 6.42 -7.59 -2.66
N ILE A 205 6.98 -7.05 -1.58
CA ILE A 205 7.60 -7.84 -0.53
C ILE A 205 6.75 -7.65 0.68
N PRO A 206 6.25 -8.76 1.23
CA PRO A 206 5.35 -8.70 2.39
C PRO A 206 6.05 -8.18 3.62
N CYS A 207 5.36 -7.35 4.39
CA CYS A 207 5.86 -6.89 5.67
C CYS A 207 4.86 -7.33 6.73
N GLY A 208 5.34 -8.01 7.76
CA GLY A 208 4.50 -8.41 8.85
C GLY A 208 5.58 -8.43 9.89
N ARG A 209 5.41 -7.63 10.92
CA ARG A 209 6.00 -7.88 12.21
C ARG A 209 4.92 -7.56 13.21
N TYR A 210 4.95 -8.26 14.34
CA TYR A 210 3.95 -8.08 15.39
C TYR A 210 4.63 -7.35 16.52
N THR A 211 4.06 -6.22 16.95
CA THR A 211 4.66 -5.59 18.12
C THR A 211 4.60 -6.56 19.29
N LYS A 212 5.32 -6.22 20.36
CA LYS A 212 5.30 -7.05 21.51
C LYS A 212 3.88 -7.02 22.06
N ARG A 213 3.26 -5.85 22.13
CA ARG A 213 1.85 -5.76 22.52
C ARG A 213 0.90 -6.69 21.72
N GLN A 214 1.11 -6.82 20.43
CA GLN A 214 0.30 -7.72 19.64
C GLN A 214 0.64 -9.16 19.90
N GLN A 215 1.91 -9.46 20.12
CA GLN A 215 2.31 -10.82 20.32
C GLN A 215 1.59 -11.39 21.53
N ARG A 216 1.59 -10.68 22.65
CA ARG A 216 0.93 -11.25 23.83
C ARG A 216 -0.58 -11.33 23.66
N LEU A 217 -1.21 -10.28 23.14
CA LEU A 217 -2.66 -10.26 22.93
C LEU A 217 -3.16 -11.31 21.93
N MET A 218 -2.29 -11.73 21.01
CA MET A 218 -2.63 -12.75 20.02
C MET A 218 -2.25 -14.12 20.58
N GLY A 219 -2.21 -14.20 21.92
CA GLY A 219 -1.96 -15.47 22.60
C GLY A 219 -0.51 -15.94 22.70
N LYS A 220 0.31 -15.56 21.71
CA LYS A 220 1.74 -15.90 21.66
C LYS A 220 2.54 -15.25 22.83
N ASP A 221 3.86 -15.39 22.84
CA ASP A 221 4.67 -14.77 23.89
C ASP A 221 5.73 -13.77 23.38
N GLU A 222 5.85 -12.65 24.10
CA GLU A 222 6.66 -11.47 23.75
C GLU A 222 8.13 -11.71 23.40
N SER A 223 8.74 -12.68 24.09
CA SER A 223 10.18 -12.98 24.01
C SER A 223 10.75 -13.40 22.65
N GLU A 224 9.91 -13.95 21.75
CA GLU A 224 10.36 -14.38 20.41
C GLU A 224 10.78 -13.21 19.52
N VAL A 225 11.97 -13.29 18.93
CA VAL A 225 12.47 -12.19 18.09
C VAL A 225 11.72 -12.20 16.75
N ASN A 226 11.54 -13.40 16.19
CA ASN A 226 10.85 -13.57 14.91
C ASN A 226 9.34 -13.60 15.13
N ARG A 227 8.66 -12.54 14.66
CA ARG A 227 7.25 -12.27 14.96
C ARG A 227 6.42 -12.03 13.67
N ASP A 228 6.60 -12.95 12.72
CA ASP A 228 5.72 -13.12 11.56
C ASP A 228 4.26 -13.28 11.99
N HIS A 229 3.36 -12.86 11.10
CA HIS A 229 1.90 -12.99 11.28
C HIS A 229 1.43 -14.45 11.50
N ASP A 230 0.68 -14.69 12.60
CA ASP A 230 0.29 -16.06 13.04
C ASP A 230 -1.04 -16.09 13.84
N THR A 231 -2.11 -16.55 13.17
CA THR A 231 -3.47 -16.66 13.77
C THR A 231 -3.79 -18.05 14.35
N THR A 232 -2.91 -19.01 14.09
CA THR A 232 -3.09 -20.39 14.55
C THR A 232 -2.89 -20.57 16.08
N SER A 233 -2.02 -19.75 16.68
CA SER A 233 -1.83 -19.76 18.13
C SER A 233 -2.76 -18.79 18.87
N HIS A 234 -3.56 -18.06 18.10
CA HIS A 234 -4.55 -17.07 18.60
C HIS A 234 -5.74 -17.75 19.21
N LYS A 235 -6.38 -17.07 20.16
CA LYS A 235 -7.65 -17.52 20.69
C LYS A 235 -8.67 -16.64 20.01
N ARG A 236 -9.68 -17.25 19.38
CA ARG A 236 -10.54 -16.47 18.49
C ARG A 236 -11.68 -15.72 19.15
N SER A 237 -11.33 -14.66 19.85
CA SER A 237 -12.28 -13.63 20.21
C SER A 237 -12.51 -12.97 18.86
N ASP A 238 -13.63 -12.28 18.69
CA ASP A 238 -13.98 -11.82 17.35
C ASP A 238 -12.90 -10.89 16.79
N LEU A 239 -12.37 -10.00 17.62
CA LEU A 239 -11.31 -9.11 17.18
C LEU A 239 -10.05 -9.88 16.89
N VAL A 240 -9.32 -9.46 15.87
CA VAL A 240 -8.04 -10.05 15.54
C VAL A 240 -7.03 -8.94 15.35
N LEU A 241 -5.81 -9.16 15.83
CA LEU A 241 -4.79 -8.11 15.72
C LEU A 241 -3.87 -8.25 14.52
N GLY A 242 -3.37 -7.13 14.02
CA GLY A 242 -2.39 -7.12 12.95
C GLY A 242 -2.98 -6.55 11.66
N ASN A 243 -2.17 -5.75 10.96
CA ASN A 243 -2.50 -5.22 9.64
C ASN A 243 -2.52 -6.24 8.49
N SER A 244 -3.36 -6.05 7.49
CA SER A 244 -3.21 -6.98 6.36
C SER A 244 -3.25 -6.35 4.99
N SER A 245 -2.97 -7.22 4.03
CA SER A 245 -2.71 -6.79 2.66
C SER A 245 -1.71 -5.60 2.62
N MET A 246 -0.57 -5.71 3.32
CA MET A 246 0.52 -4.73 3.32
C MET A 246 1.81 -5.35 2.77
N ALA A 247 2.47 -4.63 1.87
CA ALA A 247 3.71 -5.06 1.24
C ALA A 247 4.60 -3.86 0.96
N ARG A 248 5.89 -4.06 1.03
CA ARG A 248 6.80 -3.04 0.60
C ARG A 248 6.78 -3.02 -0.92
N MET A 249 6.64 -1.85 -1.51
CA MET A 249 6.61 -1.76 -2.96
C MET A 249 7.85 -1.07 -3.49
N ILE A 250 8.64 -1.81 -4.25
CA ILE A 250 9.85 -1.31 -4.84
C ILE A 250 9.76 -1.38 -6.38
N ALA A 251 10.14 -0.30 -7.07
CA ALA A 251 10.28 -0.34 -8.52
C ALA A 251 11.59 0.32 -8.85
N GLY A 252 12.27 -0.21 -9.87
CA GLY A 252 13.49 0.41 -10.37
C GLY A 252 13.98 -0.20 -11.65
N THR A 253 15.28 -0.02 -11.93
CA THR A 253 15.86 -0.62 -13.10
C THR A 253 17.00 -1.54 -12.73
N ARG A 254 17.20 -2.59 -13.56
CA ARG A 254 18.33 -3.49 -13.40
C ARG A 254 19.31 -3.27 -14.55
N HIS A 255 20.55 -2.98 -14.21
CA HIS A 255 21.59 -2.72 -15.20
C HIS A 255 22.18 -4.00 -15.69
N SER A 256 22.91 -3.96 -16.79
CA SER A 256 23.39 -5.19 -17.42
C SER A 256 24.29 -5.95 -16.47
N ASP A 257 25.02 -5.22 -15.61
CA ASP A 257 25.87 -5.86 -14.59
C ASP A 257 25.06 -6.42 -13.41
N GLY A 258 23.76 -6.26 -13.44
CA GLY A 258 22.90 -6.78 -12.37
C GLY A 258 22.77 -5.92 -11.11
N THR A 259 23.29 -4.68 -11.15
CA THR A 259 23.02 -3.70 -10.11
C THR A 259 21.65 -3.04 -10.39
N VAL A 260 21.18 -2.32 -9.39
CA VAL A 260 19.83 -1.85 -9.36
C VAL A 260 19.87 -0.35 -8.99
N THR A 261 19.14 0.47 -9.74
CA THR A 261 18.75 1.78 -9.26
C THR A 261 17.27 1.73 -8.90
N ILE A 262 16.97 2.01 -7.63
CA ILE A 262 15.60 2.09 -7.09
C ILE A 262 14.91 3.39 -7.41
N HIS A 263 13.78 3.36 -8.12
CA HIS A 263 13.08 4.61 -8.49
C HIS A 263 11.90 4.89 -7.64
N HIS A 264 11.40 3.88 -6.94
CA HIS A 264 10.25 4.02 -6.07
C HIS A 264 10.25 3.07 -4.91
N ASP A 265 9.87 3.57 -3.74
CA ASP A 265 9.94 2.79 -2.50
C ASP A 265 8.85 3.29 -1.51
N SER A 266 7.79 2.49 -1.36
CA SER A 266 6.61 2.85 -0.51
C SER A 266 5.90 1.56 -0.11
N PHE A 267 4.67 1.69 0.38
CA PHE A 267 3.90 0.57 0.87
C PHE A 267 2.63 0.49 0.01
N SER A 268 2.30 -0.72 -0.46
CA SER A 268 0.93 -1.06 -0.87
C SER A 268 0.17 -1.37 0.40
N GLY A 269 -0.92 -0.67 0.65
CA GLY A 269 -1.64 -0.86 1.90
C GLY A 269 -1.02 -0.09 3.07
N PRO A 270 -1.32 -0.51 4.32
CA PRO A 270 -2.16 -1.70 4.57
C PRO A 270 -3.63 -1.48 4.18
N GLY A 271 -4.42 -2.55 4.22
CA GLY A 271 -5.89 -2.44 4.04
C GLY A 271 -6.54 -1.62 5.16
N ALA A 272 -7.87 -1.65 5.28
CA ALA A 272 -8.51 -1.15 6.53
C ALA A 272 -7.73 -1.60 7.76
N ARG A 273 -7.46 -0.67 8.62
CA ARG A 273 -6.49 -0.86 9.69
C ARG A 273 -7.23 -1.40 10.91
N MET A 274 -8.51 -1.74 10.72
CA MET A 274 -9.33 -2.35 11.74
C MET A 274 -10.00 -3.56 11.13
N PRO A 275 -10.51 -4.42 12.00
CA PRO A 275 -11.28 -5.61 11.59
C PRO A 275 -12.71 -5.22 11.20
N TYR A 276 -12.90 -4.82 9.95
CA TYR A 276 -14.17 -4.23 9.48
C TYR A 276 -15.41 -5.13 9.65
N SER A 277 -15.24 -6.43 9.50
CA SER A 277 -16.38 -7.35 9.55
C SER A 277 -17.00 -7.37 10.95
N ASP A 278 -16.19 -7.08 11.94
CA ASP A 278 -16.58 -7.09 13.34
C ASP A 278 -17.64 -6.03 13.62
N PHE A 279 -17.72 -5.06 12.73
CA PHE A 279 -18.62 -3.93 12.88
C PHE A 279 -20.08 -4.36 12.96
N LYS A 280 -20.45 -5.39 12.20
CA LYS A 280 -21.84 -5.75 12.09
C LYS A 280 -22.41 -6.07 13.47
N GLY A 281 -23.60 -5.55 13.73
CA GLY A 281 -24.25 -5.82 15.00
C GLY A 281 -23.42 -5.48 16.22
N ALA A 282 -22.80 -4.31 16.24
CA ALA A 282 -21.90 -3.97 17.33
C ALA A 282 -22.42 -2.88 18.25
N ASP A 283 -22.38 -3.17 19.55
CA ASP A 283 -22.71 -2.21 20.60
C ASP A 283 -21.59 -1.23 20.79
N ASP A 284 -21.87 -0.10 21.44
CA ASP A 284 -20.82 0.89 21.69
C ASP A 284 -19.56 0.31 22.34
N TYR A 285 -19.69 -0.85 22.97
CA TYR A 285 -18.57 -1.53 23.64
C TYR A 285 -17.68 -2.18 22.62
N LYS A 286 -18.31 -2.82 21.63
CA LYS A 286 -17.59 -3.51 20.60
C LYS A 286 -16.97 -2.48 19.67
N LYS A 287 -17.60 -1.32 19.54
CA LYS A 287 -17.10 -0.24 18.69
C LYS A 287 -15.83 0.41 19.28
N LEU A 288 -15.90 0.82 20.53
CA LEU A 288 -14.68 1.29 21.18
C LEU A 288 -13.54 0.24 21.12
N ALA A 289 -13.90 -1.03 21.12
CA ALA A 289 -12.90 -2.08 21.11
C ALA A 289 -12.20 -2.15 19.72
N ILE A 290 -13.02 -2.14 18.67
CA ILE A 290 -12.57 -1.83 17.31
C ILE A 290 -11.63 -0.59 17.19
N LYS A 291 -11.99 0.55 17.80
CA LYS A 291 -11.07 1.69 17.86
C LYS A 291 -9.73 1.37 18.53
N ALA A 292 -9.74 0.45 19.50
CA ALA A 292 -8.51 0.07 20.18
C ALA A 292 -7.67 -0.83 19.27
N VAL A 293 -8.32 -1.79 18.63
CA VAL A 293 -7.61 -2.58 17.65
C VAL A 293 -6.98 -1.61 16.64
N THR A 294 -7.63 -0.49 16.34
CA THR A 294 -6.98 0.31 15.33
C THR A 294 -5.73 0.97 15.88
N LEU A 295 -5.81 1.44 17.13
CA LEU A 295 -4.66 2.01 17.81
C LEU A 295 -3.53 1.00 17.86
N ILE A 296 -3.84 -0.21 18.32
CA ILE A 296 -2.85 -1.31 18.44
C ILE A 296 -2.15 -1.58 17.08
N ASN A 297 -2.97 -1.60 16.03
CA ASN A 297 -2.48 -1.72 14.67
C ASN A 297 -1.59 -0.57 14.17
N GLN A 298 -1.93 0.65 14.56
CA GLN A 298 -1.13 1.85 14.29
C GLN A 298 0.28 1.74 14.88
N GLU A 299 0.44 1.23 16.10
CA GLU A 299 1.81 1.07 16.57
C GLU A 299 2.59 0.02 15.78
N GLU A 300 1.89 -0.96 15.20
CA GLU A 300 2.56 -1.93 14.33
C GLU A 300 3.08 -1.25 13.07
N VAL A 301 2.26 -0.39 12.45
CA VAL A 301 2.68 0.46 11.32
C VAL A 301 3.95 1.30 11.66
N ILE A 302 3.96 1.87 12.88
CA ILE A 302 5.05 2.69 13.35
C ILE A 302 6.29 1.79 13.42
N GLN A 303 6.14 0.64 14.05
CA GLN A 303 7.23 -0.31 14.07
C GLN A 303 7.72 -0.64 12.66
N THR A 304 6.80 -0.88 11.72
CA THR A 304 7.28 -1.25 10.41
C THR A 304 7.90 -0.08 9.59
N LEU A 305 7.48 1.16 9.81
CA LEU A 305 8.17 2.30 9.22
C LEU A 305 9.61 2.54 9.72
N ALA A 306 9.85 2.25 11.01
CA ALA A 306 11.18 2.40 11.57
C ALA A 306 12.07 1.32 11.03
N GLN A 307 11.50 0.12 10.76
CA GLN A 307 12.30 -1.01 10.30
C GLN A 307 12.80 -0.71 8.90
N ARG A 308 11.89 -0.15 8.09
CA ARG A 308 12.16 0.38 6.72
C ARG A 308 13.32 1.44 6.66
N GLN A 309 13.26 2.45 7.54
CA GLN A 309 14.35 3.44 7.66
C GLN A 309 15.66 2.74 7.79
N ILE A 310 15.69 1.75 8.68
CA ILE A 310 16.90 0.96 8.85
C ILE A 310 17.31 0.23 7.57
N ASP A 311 16.37 -0.37 6.86
CA ASP A 311 16.86 -1.13 5.74
C ASP A 311 17.19 -0.22 4.54
N ARG A 312 16.75 1.03 4.59
CA ARG A 312 17.20 2.03 3.62
C ARG A 312 18.59 2.59 3.87
N MET A 313 19.26 2.09 4.89
CA MET A 313 20.60 2.54 5.21
C MET A 313 21.72 1.52 4.94
N THR A 314 22.77 1.96 4.27
CA THR A 314 23.89 1.04 4.00
C THR A 314 24.67 0.91 5.29
N ASN A 315 25.53 -0.10 5.38
CA ASN A 315 26.48 -0.14 6.49
C ASN A 315 27.25 1.20 6.71
N GLU A 316 27.76 1.80 5.65
CA GLU A 316 28.46 3.10 5.78
C GLU A 316 27.59 4.17 6.42
N ASP A 317 26.30 4.23 6.02
CA ASP A 317 25.33 5.17 6.60
C ASP A 317 25.24 4.96 8.12
N LEU A 318 25.22 3.71 8.58
CA LEU A 318 25.04 3.49 10.00
C LEU A 318 26.33 3.89 10.76
N TRP A 319 27.46 3.62 10.12
CA TRP A 319 28.73 3.91 10.60
C TRP A 319 28.90 5.39 10.75
N ASN A 320 28.51 6.12 9.70
CA ASN A 320 28.63 7.60 9.73
C ASN A 320 27.86 8.20 10.89
N LYS A 321 26.79 7.55 11.29
CA LYS A 321 25.83 8.03 12.28
C LYS A 321 26.12 7.50 13.71
N ILE A 322 27.22 6.78 13.93
CA ILE A 322 27.64 6.37 15.28
C ILE A 322 28.81 7.24 15.72
N PRO A 323 28.62 8.07 16.78
CA PRO A 323 29.76 8.97 17.07
C PRO A 323 31.07 8.20 17.20
N GLU A 324 32.13 8.81 16.70
CA GLU A 324 33.41 8.18 16.53
C GLU A 324 33.87 7.31 17.71
N GLU A 325 33.59 7.79 18.91
CA GLU A 325 34.01 7.13 20.13
C GLU A 325 33.22 5.86 20.55
N TYR A 326 32.14 5.48 19.84
CA TYR A 326 31.38 4.24 20.17
C TYR A 326 31.60 3.13 19.18
N ARG A 327 32.34 3.49 18.13
CA ARG A 327 32.60 2.59 17.05
C ARG A 327 33.55 1.53 17.56
N PRO A 328 33.31 0.28 17.18
CA PRO A 328 34.26 -0.72 17.68
C PRO A 328 35.57 -0.67 16.89
N ASP A 329 36.67 -0.94 17.55
CA ASP A 329 37.93 -1.07 16.85
C ASP A 329 37.75 -2.18 15.78
N GLU A 330 37.19 -3.34 16.16
CA GLU A 330 36.92 -4.42 15.20
C GLU A 330 35.41 -4.71 14.98
N LEU A 331 35.00 -4.65 13.71
CA LEU A 331 33.69 -5.15 13.23
C LEU A 331 33.84 -6.60 12.82
N PRO A 332 32.96 -7.49 13.31
CA PRO A 332 33.16 -8.92 13.17
C PRO A 332 33.31 -9.41 11.73
N PRO A 333 33.93 -10.59 11.56
CA PRO A 333 34.11 -11.22 10.25
C PRO A 333 32.78 -11.54 9.55
N ASP A 334 31.81 -12.07 10.29
CA ASP A 334 30.50 -12.40 9.72
C ASP A 334 29.78 -11.13 9.28
N ALA A 335 29.56 -11.00 7.96
CA ALA A 335 28.95 -9.81 7.37
C ALA A 335 27.60 -9.48 7.99
N GLU A 336 26.96 -10.54 8.48
CA GLU A 336 25.62 -10.42 9.08
C GLU A 336 25.70 -9.96 10.55
N LYS A 337 26.70 -10.47 11.26
CA LYS A 337 26.89 -10.06 12.63
C LYS A 337 27.47 -8.60 12.71
N ALA A 338 28.19 -8.16 11.67
CA ALA A 338 28.58 -6.76 11.58
C ALA A 338 27.37 -5.81 11.37
N ARG A 339 26.49 -6.10 10.42
CA ARG A 339 25.33 -5.23 10.28
C ARG A 339 24.52 -5.17 11.56
N ALA A 340 24.36 -6.33 12.19
CA ALA A 340 23.64 -6.36 13.42
C ALA A 340 24.22 -5.33 14.45
N GLN A 341 25.53 -5.39 14.68
CA GLN A 341 26.18 -4.50 15.67
C GLN A 341 26.04 -3.03 15.23
N LEU A 342 26.19 -2.81 13.94
CA LEU A 342 25.98 -1.54 13.33
C LEU A 342 24.56 -1.04 13.59
N ILE A 343 23.55 -1.88 13.44
CA ILE A 343 22.21 -1.42 13.71
C ILE A 343 22.01 -1.11 15.20
N LYS A 344 22.45 -1.99 16.09
CA LYS A 344 22.30 -1.74 17.51
C LYS A 344 22.94 -0.39 17.97
N LEU A 345 24.19 -0.14 17.57
CA LEU A 345 24.88 1.10 17.89
C LEU A 345 24.12 2.31 17.31
N TYR A 346 23.63 2.22 16.08
CA TYR A 346 22.93 3.32 15.49
C TYR A 346 21.68 3.76 16.27
N VAL A 347 20.87 2.75 16.63
CA VAL A 347 19.59 2.91 17.31
C VAL A 347 19.86 3.45 18.71
N GLU A 348 20.89 2.91 19.33
CA GLU A 348 21.17 3.24 20.71
C GLU A 348 21.62 4.72 20.83
N HIS A 349 22.24 5.26 19.77
CA HIS A 349 22.74 6.63 19.83
C HIS A 349 21.98 7.61 18.96
N ASN A 350 20.88 7.23 18.31
CA ASN A 350 20.17 8.21 17.51
C ASN A 350 18.67 8.16 17.74
N PRO A 351 18.05 9.31 18.15
CA PRO A 351 16.60 9.48 18.18
C PRO A 351 16.12 9.13 16.81
N LEU A 352 15.06 8.33 16.73
CA LEU A 352 14.52 7.82 15.49
C LEU A 352 13.20 8.49 15.30
N SER A 353 12.95 8.96 14.08
CA SER A 353 11.66 9.51 13.81
C SER A 353 11.19 9.20 12.42
N VAL A 354 9.91 9.06 12.34
CA VAL A 354 9.31 8.49 11.21
C VAL A 354 8.09 9.32 10.84
N THR A 355 7.89 9.50 9.53
CA THR A 355 6.68 10.16 9.12
C THR A 355 5.84 9.36 8.11
N GLU A 356 4.57 9.11 8.45
CA GLU A 356 3.62 8.43 7.60
C GLU A 356 2.72 9.36 6.75
N CYS A 357 2.67 9.12 5.44
CA CYS A 357 1.74 9.79 4.57
C CYS A 357 0.84 8.74 3.97
N TYR A 358 -0.36 8.76 4.50
CA TYR A 358 -1.35 7.77 4.25
C TYR A 358 -2.31 8.39 3.22
N THR A 359 -2.25 7.98 1.96
CA THR A 359 -3.27 8.48 1.01
C THR A 359 -4.41 7.48 0.83
N GLN A 360 -5.52 7.78 1.49
CA GLN A 360 -6.63 6.88 1.48
C GLN A 360 -7.59 7.22 0.32
N VAL A 361 -8.27 6.21 -0.20
CA VAL A 361 -8.95 6.31 -1.48
C VAL A 361 -10.33 5.61 -1.43
N VAL A 362 -10.76 5.39 -0.21
CA VAL A 362 -12.12 5.02 0.14
C VAL A 362 -13.04 6.24 -0.08
N THR A 363 -14.36 6.02 -0.17
CA THR A 363 -15.24 7.17 -0.04
C THR A 363 -16.00 7.24 1.29
N ALA A 364 -15.44 8.02 2.22
CA ALA A 364 -15.87 8.09 3.62
C ALA A 364 -17.36 8.38 3.84
N GLY A 365 -17.89 9.26 3.00
CA GLY A 365 -19.24 9.74 3.19
C GLY A 365 -20.31 8.90 2.60
N GLN A 366 -19.94 7.78 1.97
CA GLN A 366 -20.89 6.99 1.17
C GLN A 366 -22.07 6.46 1.97
N ARG A 367 -23.29 6.64 1.49
CA ARG A 367 -24.42 6.19 2.29
C ARG A 367 -25.07 4.91 1.82
N VAL A 368 -24.65 4.38 0.68
CA VAL A 368 -25.14 3.09 0.23
C VAL A 368 -23.96 2.17 0.01
N ALA A 369 -24.15 0.88 0.30
CA ALA A 369 -23.11 -0.16 0.25
C ALA A 369 -21.87 0.42 0.98
N ALA A 370 -22.09 0.94 2.18
CA ALA A 370 -21.13 1.79 2.88
C ALA A 370 -19.88 1.03 3.35
N GLU A 371 -20.09 -0.20 3.85
CA GLU A 371 -18.99 -1.05 4.32
C GLU A 371 -18.06 -0.31 5.32
N ASN A 372 -18.68 0.54 6.14
CA ASN A 372 -17.98 1.24 7.20
C ASN A 372 -16.78 2.09 6.70
N GLN A 373 -16.93 2.64 5.50
CA GLN A 373 -15.95 3.49 4.92
C GLN A 373 -15.81 4.77 5.76
N LYS A 374 -16.89 5.13 6.46
CA LYS A 374 -16.84 6.24 7.40
C LYS A 374 -15.90 6.00 8.56
N GLU A 375 -15.99 4.84 9.21
CA GLU A 375 -15.07 4.54 10.35
C GLU A 375 -13.64 4.30 9.84
N GLN A 376 -13.53 3.75 8.63
CA GLN A 376 -12.25 3.52 7.98
C GLN A 376 -11.45 4.81 7.77
N PHE A 377 -12.15 5.92 7.59
CA PHE A 377 -11.53 7.21 7.52
C PHE A 377 -11.26 7.64 8.94
N GLU A 378 -12.32 7.52 9.74
CA GLU A 378 -12.38 8.24 10.98
C GLU A 378 -11.50 7.60 12.04
N TYR A 379 -11.51 6.27 12.13
CA TYR A 379 -10.79 5.63 13.22
C TYR A 379 -9.31 5.74 12.95
N VAL A 380 -8.95 5.65 11.67
CA VAL A 380 -7.56 5.72 11.26
C VAL A 380 -7.01 7.11 11.39
N ARG A 381 -7.74 8.12 10.96
CA ARG A 381 -7.31 9.51 11.17
C ARG A 381 -7.16 9.86 12.69
N GLN A 382 -8.12 9.41 13.49
CA GLN A 382 -8.04 9.52 14.95
C GLN A 382 -6.68 8.99 15.53
N MET A 383 -6.44 7.70 15.29
CA MET A 383 -5.32 6.95 15.82
C MET A 383 -3.97 7.38 15.25
N MET A 384 -3.88 7.70 13.96
CA MET A 384 -2.67 8.33 13.47
C MET A 384 -2.39 9.62 14.27
N ASP A 385 -3.42 10.43 14.51
CA ASP A 385 -3.22 11.68 15.23
C ASP A 385 -2.98 11.50 16.72
N ALA A 386 -3.42 10.36 17.27
CA ALA A 386 -3.28 10.08 18.67
C ALA A 386 -1.83 9.87 18.91
N PHE A 387 -1.14 9.36 17.87
CA PHE A 387 0.32 9.11 17.94
C PHE A 387 1.15 10.28 17.45
N ASP A 388 0.55 11.19 16.68
CA ASP A 388 1.37 12.27 16.14
C ASP A 388 2.06 13.12 17.24
N GLY A 389 3.34 13.42 16.97
CA GLY A 389 4.14 14.34 17.77
C GLY A 389 4.46 13.77 19.13
N SER A 390 4.32 12.46 19.23
CA SER A 390 4.82 11.77 20.38
C SER A 390 5.74 10.66 19.91
N LYS A 391 5.92 9.67 20.78
CA LYS A 391 6.94 8.65 20.65
C LYS A 391 6.29 7.32 20.95
N ALA A 392 6.56 6.32 20.12
CA ALA A 392 6.13 4.97 20.42
C ALA A 392 7.26 3.97 20.75
N LYS A 393 7.09 3.22 21.84
CA LYS A 393 7.99 2.15 22.24
C LYS A 393 7.80 1.01 21.23
N ILE A 394 8.89 0.50 20.66
CA ILE A 394 8.82 -0.29 19.44
C ILE A 394 9.97 -1.26 19.44
N THR A 395 9.98 -2.22 18.52
CA THR A 395 11.08 -3.14 18.47
C THR A 395 11.73 -3.10 17.09
N ILE A 396 13.06 -3.09 17.03
CA ILE A 396 13.80 -3.10 15.75
C ILE A 396 14.52 -4.42 15.62
N GLN A 397 14.28 -5.13 14.55
CA GLN A 397 15.02 -6.36 14.40
C GLN A 397 16.43 -6.06 13.88
N THR A 398 17.45 -6.56 14.57
CA THR A 398 18.82 -6.25 14.16
C THR A 398 19.57 -7.35 13.48
N GLY A 399 19.14 -8.58 13.72
CA GLY A 399 19.83 -9.77 13.23
C GLY A 399 18.78 -10.85 13.22
N SER A 400 19.16 -12.08 12.93
CA SER A 400 18.15 -13.14 12.82
C SER A 400 17.62 -13.61 14.18
N ASN A 401 18.39 -13.46 15.25
CA ASN A 401 17.80 -13.74 16.57
C ASN A 401 18.05 -12.65 17.56
N THR A 402 18.30 -11.46 17.04
CA THR A 402 18.56 -10.32 17.91
C THR A 402 17.61 -9.20 17.55
N GLU A 403 17.31 -8.42 18.58
CA GLU A 403 16.54 -7.22 18.40
C GLU A 403 16.80 -6.19 19.51
N VAL A 404 16.28 -4.96 19.35
CA VAL A 404 16.40 -3.89 20.35
C VAL A 404 15.10 -3.10 20.52
N GLU A 405 14.96 -2.43 21.66
CA GLU A 405 13.79 -1.60 21.90
C GLU A 405 14.17 -0.12 21.86
N THR A 406 13.48 0.69 21.06
CA THR A 406 13.61 2.16 21.08
C THR A 406 12.25 2.81 21.09
N ALA A 407 12.22 4.04 21.57
CA ALA A 407 11.17 4.98 21.21
C ALA A 407 11.43 5.44 19.77
N VAL A 408 10.38 5.72 19.00
CA VAL A 408 10.45 6.34 17.65
C VAL A 408 9.46 7.51 17.62
N GLY A 409 9.90 8.66 17.05
CA GLY A 409 9.09 9.86 16.96
C GLY A 409 8.17 9.64 15.79
N TYR A 410 6.90 9.98 15.94
CA TYR A 410 5.96 9.76 14.83
C TYR A 410 5.25 11.01 14.41
N GLN A 411 4.93 11.07 13.13
CA GLN A 411 4.38 12.26 12.55
C GLN A 411 3.41 11.75 11.53
N ALA A 412 2.15 12.20 11.59
CA ALA A 412 1.08 11.76 10.69
C ALA A 412 0.66 12.77 9.61
N ARG A 413 0.47 12.31 8.39
CA ARG A 413 -0.22 13.08 7.39
C ARG A 413 -1.21 12.14 6.71
N MET A 414 -2.48 12.46 6.81
CA MET A 414 -3.51 11.61 6.25
C MET A 414 -4.46 12.38 5.40
N SER A 415 -4.81 11.79 4.27
CA SER A 415 -5.72 12.42 3.34
C SER A 415 -6.71 11.36 2.81
N SER A 416 -7.89 11.78 2.36
CA SER A 416 -8.92 10.82 1.99
C SER A 416 -9.80 11.38 0.89
N TRP A 417 -9.48 11.04 -0.36
CA TRP A 417 -10.24 11.53 -1.51
C TRP A 417 -10.64 10.32 -2.26
N GLY A 418 -11.94 10.20 -2.49
CA GLY A 418 -12.54 9.02 -3.06
C GLY A 418 -12.21 8.83 -4.51
N VAL A 419 -12.50 7.61 -4.97
CA VAL A 419 -12.20 7.31 -6.34
C VAL A 419 -13.37 6.57 -7.09
N ASN A 420 -14.39 6.13 -6.35
CA ASN A 420 -15.42 5.28 -6.90
C ASN A 420 -16.57 6.19 -7.41
N TRP A 421 -17.67 5.62 -7.86
CA TRP A 421 -18.74 6.41 -8.44
C TRP A 421 -19.35 7.46 -7.46
N PHE A 422 -19.24 7.21 -6.17
CA PHE A 422 -19.79 8.05 -5.11
C PHE A 422 -18.81 9.08 -4.62
N ARG A 423 -17.64 9.18 -5.25
CA ARG A 423 -16.54 10.06 -4.78
C ARG A 423 -16.95 11.55 -4.54
N GLN A 424 -17.94 12.07 -5.25
CA GLN A 424 -18.31 13.50 -5.14
C GLN A 424 -19.63 13.72 -5.80
N VAL A 425 -20.64 13.45 -5.02
CA VAL A 425 -22.02 13.36 -5.49
C VAL A 425 -22.53 14.79 -5.70
N GLY A 426 -23.56 14.94 -6.52
CA GLY A 426 -24.12 16.26 -6.78
C GLY A 426 -24.81 16.89 -5.57
N ALA A 427 -25.16 18.18 -5.67
CA ALA A 427 -25.78 18.90 -4.55
C ALA A 427 -27.06 18.16 -4.16
N LEU A 428 -27.20 17.98 -2.84
CA LEU A 428 -28.46 17.50 -2.26
C LEU A 428 -28.68 15.99 -2.58
N ASN A 429 -27.68 15.36 -3.15
CA ASN A 429 -27.79 13.93 -3.43
C ASN A 429 -27.60 13.11 -2.15
N PRO A 430 -28.58 12.23 -1.81
CA PRO A 430 -28.44 11.60 -0.50
C PRO A 430 -27.56 10.38 -0.53
N LEU A 431 -27.00 10.02 -1.68
CA LEU A 431 -26.21 8.79 -1.79
C LEU A 431 -24.83 8.89 -1.15
N SER A 432 -24.30 10.08 -1.00
CA SER A 432 -23.01 10.21 -0.32
C SER A 432 -22.97 11.55 0.35
N ASP A 433 -22.29 11.67 1.48
CA ASP A 433 -22.07 12.99 2.16
C ASP A 433 -20.61 13.41 1.88
N ASN A 434 -20.41 14.42 1.02
CA ASN A 434 -19.09 14.83 0.51
C ASN A 434 -18.30 15.58 1.58
N SER A 435 -18.99 15.99 2.64
CA SER A 435 -18.45 16.88 3.64
C SER A 435 -17.61 16.22 4.74
N VAL A 436 -17.73 14.91 4.89
CA VAL A 436 -17.05 14.14 5.94
C VAL A 436 -15.50 14.33 6.03
N THR A 437 -14.84 14.57 4.90
CA THR A 437 -13.40 14.63 4.84
C THR A 437 -12.94 16.07 4.54
N LYS A 438 -13.89 16.98 4.34
CA LYS A 438 -13.58 18.39 4.05
C LYS A 438 -12.45 18.95 4.97
N ASN A 439 -12.67 18.89 6.29
CA ASN A 439 -11.78 19.43 7.33
C ASN A 439 -10.41 18.78 7.25
N GLN A 440 -10.41 17.44 7.15
CA GLN A 440 -9.16 16.72 7.25
C GLN A 440 -8.35 16.90 6.00
N ASN A 441 -9.01 17.06 4.87
CA ASN A 441 -8.27 17.23 3.62
C ASN A 441 -7.65 18.61 3.49
N ALA A 442 -8.38 19.62 3.95
CA ALA A 442 -7.86 20.96 4.20
C ALA A 442 -6.65 20.98 5.10
N ARG A 443 -6.80 20.33 6.25
CA ARG A 443 -5.76 20.24 7.25
C ARG A 443 -4.57 19.62 6.51
N PHE A 444 -4.81 18.51 5.78
CA PHE A 444 -3.73 17.79 5.10
C PHE A 444 -3.02 18.62 3.99
N VAL A 445 -3.78 19.33 3.19
CA VAL A 445 -3.14 20.16 2.20
C VAL A 445 -2.31 21.22 2.90
N ASN A 446 -2.82 21.89 3.93
CA ASN A 446 -1.96 22.85 4.64
C ASN A 446 -0.63 22.25 5.18
N GLN A 447 -0.76 21.08 5.78
CA GLN A 447 0.37 20.38 6.37
C GLN A 447 1.46 20.09 5.34
N MET A 448 1.04 19.58 4.17
CA MET A 448 1.96 19.25 3.09
C MET A 448 2.58 20.50 2.48
N THR A 449 1.77 21.50 2.21
CA THR A 449 2.31 22.71 1.65
C THR A 449 3.24 23.46 2.62
N ASP A 450 2.91 23.52 3.92
CA ASP A 450 3.91 23.97 4.95
C ASP A 450 5.19 23.12 4.94
N ASP A 451 5.08 21.77 4.92
CA ASP A 451 6.28 20.90 4.79
C ASP A 451 7.17 21.27 3.62
N VAL A 452 6.57 21.64 2.51
CA VAL A 452 7.33 22.06 1.36
C VAL A 452 8.01 23.44 1.61
N ILE A 453 7.29 24.39 2.24
CA ILE A 453 7.78 25.72 2.48
C ILE A 453 9.05 25.55 3.33
N ARG A 454 8.95 24.71 4.37
CA ARG A 454 10.04 24.56 5.31
C ARG A 454 11.22 23.97 4.63
N ASN A 455 10.95 23.04 3.70
CA ASN A 455 12.00 22.51 2.85
C ASN A 455 12.63 23.56 1.99
N LEU A 456 11.84 24.54 1.56
CA LEU A 456 12.34 25.62 0.73
C LEU A 456 13.32 26.47 1.52
N ASP A 457 12.84 27.07 2.61
CA ASP A 457 13.68 27.88 3.51
C ASP A 457 15.04 27.25 3.81
N LYS A 458 15.07 25.92 3.84
CA LYS A 458 16.25 25.14 4.22
C LYS A 458 17.27 24.94 3.09
N VAL A 459 16.81 24.51 1.92
CA VAL A 459 17.67 24.13 0.79
C VAL A 459 17.95 25.36 -0.09
N ALA A 460 16.88 26.02 -0.52
CA ALA A 460 16.96 27.13 -1.48
C ALA A 460 17.84 28.26 -0.96
N GLN A 461 17.82 28.43 0.36
CA GLN A 461 18.71 29.36 1.07
C GLN A 461 20.14 29.29 0.54
N ASN A 462 20.57 28.06 0.22
CA ASN A 462 21.97 27.78 -0.03
C ASN A 462 22.29 27.32 -1.45
N LEU A 463 21.41 27.61 -2.41
CA LEU A 463 21.67 27.23 -3.80
C LEU A 463 21.16 28.29 -4.81
N GLY A 464 21.70 29.51 -4.63
CA GLY A 464 21.36 30.72 -5.40
C GLY A 464 22.19 30.92 -6.67
N ASP A 465 22.85 29.84 -7.10
CA ASP A 465 23.44 29.75 -8.44
C ASP A 465 22.34 29.73 -9.48
N TYR A 466 21.12 29.45 -8.99
CA TYR A 466 19.94 29.21 -9.78
C TYR A 466 18.87 30.23 -9.41
N ASP A 467 18.88 31.34 -10.12
CA ASP A 467 17.98 32.47 -9.84
C ASP A 467 16.51 32.06 -9.96
N LYS A 468 16.21 31.25 -10.96
CA LYS A 468 14.81 30.93 -11.23
C LYS A 468 14.21 30.16 -10.03
N ALA A 469 15.09 29.50 -9.27
CA ALA A 469 14.66 28.78 -8.05
C ALA A 469 14.26 29.70 -6.91
N GLY A 470 15.01 30.79 -6.72
CA GLY A 470 14.60 31.84 -5.80
C GLY A 470 13.18 32.33 -6.13
N ALA A 471 12.92 32.71 -7.38
CA ALA A 471 11.64 33.35 -7.68
C ALA A 471 10.45 32.39 -7.47
N LEU A 472 10.66 31.09 -7.67
CA LEU A 472 9.56 30.17 -7.46
C LEU A 472 9.23 30.17 -5.97
N HIS A 473 10.30 30.03 -5.16
CA HIS A 473 10.24 30.08 -3.71
C HIS A 473 9.37 31.24 -3.23
N THR A 474 9.74 32.48 -3.55
CA THR A 474 8.93 33.64 -3.19
C THR A 474 7.44 33.40 -3.50
N LEU A 475 7.11 33.12 -4.76
CA LEU A 475 5.71 32.82 -5.14
C LEU A 475 5.03 31.73 -4.31
N LEU A 476 5.70 30.58 -4.14
CA LEU A 476 5.15 29.44 -3.40
C LEU A 476 5.03 29.61 -1.91
N LYS A 477 5.68 30.62 -1.31
CA LYS A 477 5.53 30.89 0.11
C LYS A 477 4.07 31.11 0.43
N GLY A 478 3.29 31.50 -0.58
CA GLY A 478 1.87 31.73 -0.40
C GLY A 478 1.62 32.99 0.42
N PRO A 479 0.40 33.12 0.93
CA PRO A 479 0.03 34.26 1.79
C PRO A 479 0.70 34.16 3.17
N ASP A 480 1.14 35.25 3.80
CA ASP A 480 1.68 35.06 5.15
C ASP A 480 0.59 34.53 6.05
N VAL A 481 0.83 33.39 6.66
CA VAL A 481 -0.18 32.76 7.48
C VAL A 481 0.43 32.31 8.81
N SER A 482 1.55 32.96 9.14
CA SER A 482 2.40 32.61 10.29
C SER A 482 1.66 32.62 11.61
N ASP A 483 0.81 33.63 11.78
CA ASP A 483 0.04 33.79 12.98
C ASP A 483 -0.93 32.62 13.25
N LEU A 484 -1.87 32.43 12.33
CA LEU A 484 -2.74 31.23 12.36
C LEU A 484 -1.97 29.90 12.49
N ASN A 485 -0.75 29.83 11.97
CA ASN A 485 0.06 28.58 12.11
C ASN A 485 0.63 28.40 13.49
N GLN A 486 1.10 29.53 14.06
CA GLN A 486 1.53 29.62 15.45
C GLN A 486 0.39 29.14 16.33
N GLN A 487 -0.80 29.70 16.11
CA GLN A 487 -1.99 29.32 16.86
C GLN A 487 -2.20 27.82 16.82
N ILE A 488 -2.09 27.25 15.61
CA ILE A 488 -2.29 25.83 15.42
C ILE A 488 -1.21 25.00 16.16
N THR A 489 0.06 25.36 15.99
CA THR A 489 1.10 24.58 16.68
C THR A 489 1.05 24.71 18.25
N GLU A 490 0.71 25.90 18.75
CA GLU A 490 0.35 26.03 20.19
C GLU A 490 -0.78 25.05 20.56
N LYS A 491 -1.89 25.06 19.81
CA LYS A 491 -2.99 24.18 20.22
C LYS A 491 -2.68 22.72 19.99
N GLU A 492 -1.83 22.42 19.01
CA GLU A 492 -1.44 21.03 18.77
C GLU A 492 -0.48 20.54 19.85
N ASN A 493 0.37 21.41 20.40
CA ASN A 493 1.18 21.00 21.55
C ASN A 493 0.37 20.72 22.82
N ALA A 494 -0.67 21.53 23.08
CA ALA A 494 -1.58 21.34 24.23
C ALA A 494 -2.21 19.93 24.32
N LEU A 495 -2.42 19.32 23.14
CA LEU A 495 -3.10 18.02 22.98
C LEU A 495 -2.27 16.84 23.41
N LYS A 496 -0.96 17.03 23.49
CA LYS A 496 -0.05 15.89 23.62
C LYS A 496 -0.32 15.03 24.84
N GLU A 497 -0.52 15.68 26.00
CA GLU A 497 -0.74 14.96 27.25
C GLU A 497 -2.10 14.23 27.27
N VAL A 498 -3.15 14.90 26.88
CA VAL A 498 -4.43 14.21 26.70
C VAL A 498 -4.30 13.00 25.74
N LYS A 499 -3.64 13.19 24.59
CA LYS A 499 -3.42 12.07 23.62
C LYS A 499 -2.73 10.85 24.26
N GLY A 500 -1.69 11.15 25.06
CA GLY A 500 -0.94 10.15 25.83
C GLY A 500 -1.82 9.43 26.83
N ALA A 501 -2.61 10.19 27.58
CA ALA A 501 -3.59 9.61 28.50
C ALA A 501 -4.63 8.79 27.73
N TYR A 502 -5.17 9.38 26.67
CA TYR A 502 -6.09 8.69 25.78
C TYR A 502 -5.54 7.36 25.26
N ARG A 503 -4.31 7.37 24.76
CA ARG A 503 -3.76 6.15 24.20
C ARG A 503 -3.64 5.06 25.24
N GLU A 504 -3.02 5.38 26.38
CA GLU A 504 -2.80 4.33 27.42
C GLU A 504 -4.11 3.82 28.00
N ALA A 505 -5.07 4.72 28.20
CA ALA A 505 -6.39 4.32 28.69
C ALA A 505 -7.15 3.37 27.74
N LEU A 506 -7.04 3.64 26.43
CA LEU A 506 -7.68 2.81 25.43
C LEU A 506 -7.03 1.40 25.35
N PHE A 507 -5.72 1.37 25.38
CA PHE A 507 -4.96 0.13 25.48
C PHE A 507 -5.44 -0.73 26.64
N SER A 508 -5.62 -0.10 27.81
CA SER A 508 -6.14 -0.77 29.03
C SER A 508 -7.56 -1.25 28.82
N TYR A 509 -8.33 -0.44 28.08
CA TYR A 509 -9.71 -0.83 27.82
C TYR A 509 -9.78 -2.17 27.08
N PHE A 510 -8.93 -2.34 26.06
CA PHE A 510 -8.93 -3.60 25.29
C PHE A 510 -8.47 -4.85 26.10
N GLU A 511 -7.47 -4.70 26.98
CA GLU A 511 -7.09 -5.80 27.91
C GLU A 511 -8.28 -6.37 28.69
N GLU A 512 -9.12 -5.50 29.24
CA GLU A 512 -10.38 -5.90 29.91
C GLU A 512 -11.43 -6.53 28.99
N TYR A 513 -11.81 -5.80 27.92
CA TYR A 513 -12.87 -6.21 26.97
C TYR A 513 -12.52 -7.52 26.29
N GLN A 514 -11.22 -7.70 26.06
CA GLN A 514 -10.76 -8.87 25.34
C GLN A 514 -10.96 -10.17 26.16
N LYS A 515 -11.30 -10.03 27.44
CA LYS A 515 -11.59 -11.21 28.26
C LYS A 515 -12.92 -11.91 27.88
N GLY A 516 -14.03 -11.18 27.90
CA GLY A 516 -15.34 -11.73 27.54
C GLY A 516 -16.25 -12.03 28.71
N GLU A 517 -17.43 -12.62 28.42
CA GLU A 517 -18.54 -12.74 29.39
C GLU A 517 -18.20 -13.39 30.74
N GLY A 518 -17.99 -14.71 30.72
CA GLY A 518 -17.63 -15.46 31.91
C GLY A 518 -16.39 -14.89 32.56
N LYS A 519 -15.67 -14.04 31.84
CA LYS A 519 -14.42 -13.45 32.35
C LYS A 519 -14.48 -11.96 32.73
N TRP A 520 -15.52 -11.25 32.30
CA TRP A 520 -15.68 -9.78 32.53
C TRP A 520 -15.53 -9.31 33.97
N ASP A 521 -15.06 -8.09 34.17
CA ASP A 521 -15.26 -7.37 35.43
C ASP A 521 -15.93 -6.03 35.11
N GLN A 522 -17.26 -6.07 34.98
CA GLN A 522 -18.05 -4.97 34.43
C GLN A 522 -17.71 -3.57 34.99
N ALA A 523 -17.50 -3.49 36.30
CA ALA A 523 -17.22 -2.20 36.95
C ALA A 523 -15.98 -1.49 36.38
N LYS A 524 -14.90 -2.25 36.16
CA LYS A 524 -13.67 -1.70 35.55
C LYS A 524 -13.83 -1.45 34.03
N LEU A 525 -14.59 -2.29 33.33
CA LEU A 525 -14.89 -2.06 31.91
C LEU A 525 -15.51 -0.67 31.73
N ASP A 526 -16.68 -0.48 32.37
CA ASP A 526 -17.45 0.78 32.42
C ASP A 526 -16.59 1.98 32.85
N GLN A 527 -15.77 1.78 33.89
CA GLN A 527 -14.82 2.78 34.36
C GLN A 527 -13.87 3.13 33.22
N LEU A 528 -13.31 2.10 32.60
CA LEU A 528 -12.32 2.32 31.56
C LEU A 528 -12.93 2.98 30.32
N LYS A 529 -14.11 2.50 29.91
CA LYS A 529 -14.83 3.13 28.82
C LYS A 529 -14.98 4.62 29.09
N ASN A 530 -15.35 4.95 30.33
CA ASN A 530 -15.62 6.33 30.73
C ASN A 530 -14.48 7.32 30.68
N GLN A 531 -13.30 6.89 31.13
CA GLN A 531 -12.11 7.74 31.12
C GLN A 531 -11.79 8.04 29.64
N VAL A 532 -11.79 6.98 28.84
CA VAL A 532 -11.54 7.05 27.38
C VAL A 532 -12.46 8.05 26.68
N ASP A 533 -13.77 8.00 27.03
CA ASP A 533 -14.79 8.88 26.42
C ASP A 533 -14.54 10.34 26.74
N GLY A 534 -14.32 10.62 28.02
CA GLY A 534 -13.92 11.95 28.51
C GLY A 534 -12.71 12.48 27.77
N TYR A 535 -11.72 11.63 27.57
CA TYR A 535 -10.50 12.06 26.88
C TYR A 535 -10.81 12.41 25.43
N GLU A 536 -11.61 11.54 24.81
CA GLU A 536 -12.06 11.73 23.45
C GLU A 536 -12.99 12.93 23.24
N LYS A 537 -13.91 13.17 24.18
CA LYS A 537 -14.75 14.35 24.12
C LYS A 537 -13.85 15.55 24.04
N SER A 538 -12.90 15.61 24.97
CA SER A 538 -11.96 16.72 25.07
C SER A 538 -11.00 16.87 23.88
N ILE A 539 -10.45 15.75 23.43
CA ILE A 539 -9.74 15.75 22.16
C ILE A 539 -10.59 16.23 20.96
N LYS A 540 -11.80 15.68 20.81
CA LYS A 540 -12.67 16.15 19.72
C LYS A 540 -12.80 17.66 19.76
N LYS A 541 -12.98 18.19 20.96
CA LYS A 541 -13.25 19.61 21.17
C LYS A 541 -12.09 20.46 20.64
N GLN A 542 -10.88 20.08 21.02
CA GLN A 542 -9.68 20.78 20.56
C GLN A 542 -9.39 20.53 19.07
N GLU A 543 -9.59 19.30 18.59
CA GLU A 543 -9.58 19.00 17.15
C GLU A 543 -10.50 19.96 16.34
N SER A 544 -11.72 20.24 16.81
CA SER A 544 -12.61 21.21 16.13
C SER A 544 -12.04 22.60 16.03
N ALA A 545 -11.38 23.10 17.09
CA ALA A 545 -10.88 24.47 16.96
C ALA A 545 -9.64 24.53 16.07
N ILE A 546 -8.82 23.49 16.13
CA ILE A 546 -7.72 23.32 15.18
C ILE A 546 -8.22 23.30 13.70
N TYR A 547 -9.31 22.57 13.41
CA TYR A 547 -9.80 22.52 12.02
C TYR A 547 -10.27 23.89 11.63
N GLU A 548 -10.85 24.55 12.62
CA GLU A 548 -11.45 25.83 12.44
C GLU A 548 -10.38 26.76 11.89
N LEU A 549 -9.22 26.73 12.53
CA LEU A 549 -8.05 27.54 12.15
C LEU A 549 -7.50 27.14 10.75
N HIS A 550 -7.32 25.83 10.50
CA HIS A 550 -6.99 25.33 9.15
C HIS A 550 -7.91 25.83 8.08
N ASN A 551 -9.23 25.85 8.32
CA ASN A 551 -10.17 26.30 7.29
C ASN A 551 -9.97 27.78 6.90
N GLN A 552 -9.46 28.57 7.85
CA GLN A 552 -9.12 29.96 7.60
C GLN A 552 -7.92 30.05 6.68
N ILE A 553 -6.90 29.28 7.02
CA ILE A 553 -5.72 29.22 6.19
C ILE A 553 -6.08 28.75 4.77
N ASP A 554 -6.97 27.77 4.71
CA ASP A 554 -7.43 27.19 3.46
C ASP A 554 -8.08 28.27 2.62
N ALA A 555 -8.99 29.02 3.25
CA ALA A 555 -9.69 30.14 2.61
C ALA A 555 -8.73 31.13 1.94
N LEU A 556 -7.70 31.53 2.69
CA LEU A 556 -6.70 32.49 2.25
C LEU A 556 -5.79 31.88 1.16
N ARG A 557 -5.35 30.65 1.38
CA ARG A 557 -4.53 29.92 0.39
C ARG A 557 -5.16 29.83 -0.98
N LYS A 558 -6.47 29.67 -0.97
CA LYS A 558 -7.22 29.53 -2.20
C LYS A 558 -7.15 30.86 -2.91
N ALA A 559 -7.61 31.91 -2.23
CA ALA A 559 -7.61 33.27 -2.81
C ALA A 559 -6.24 33.55 -3.41
N TYR A 560 -5.21 33.33 -2.59
CA TYR A 560 -3.85 33.44 -3.06
C TYR A 560 -3.63 32.65 -4.36
N TYR A 561 -3.87 31.33 -4.32
CA TYR A 561 -3.75 30.47 -5.51
C TYR A 561 -4.52 31.02 -6.72
N THR A 562 -5.81 31.26 -6.57
CA THR A 562 -6.63 31.58 -7.74
C THR A 562 -6.05 32.73 -8.54
N GLU A 563 -5.25 33.57 -7.87
CA GLU A 563 -4.70 34.79 -8.45
C GLU A 563 -3.21 34.66 -8.85
N HIS A 564 -2.49 33.70 -8.30
CA HIS A 564 -1.12 33.57 -8.74
C HIS A 564 -0.86 32.39 -9.65
N LYS A 565 -1.88 31.61 -9.98
CA LYS A 565 -1.66 30.37 -10.74
C LYS A 565 -0.73 30.57 -11.92
N GLY A 566 -1.04 31.54 -12.77
CA GLY A 566 -0.26 31.85 -13.98
C GLY A 566 1.23 32.08 -13.69
N GLN A 567 1.52 32.90 -12.67
CA GLN A 567 2.92 33.24 -12.38
C GLN A 567 3.66 32.01 -11.86
N ILE A 568 2.99 31.25 -11.00
CA ILE A 568 3.56 30.03 -10.47
C ILE A 568 3.96 29.09 -11.62
N ASN A 569 3.08 28.85 -12.58
CA ASN A 569 3.44 27.98 -13.73
C ASN A 569 4.59 28.53 -14.56
N LYS A 570 4.53 29.84 -14.88
CA LYS A 570 5.57 30.49 -15.69
C LYS A 570 6.87 30.24 -14.96
N ALA A 571 6.85 30.51 -13.67
CA ALA A 571 8.05 30.38 -12.83
C ALA A 571 8.57 28.96 -12.75
N LEU A 572 7.67 27.98 -12.81
CA LEU A 572 8.02 26.52 -12.84
C LEU A 572 8.68 26.11 -14.15
N GLN A 573 8.03 26.50 -15.24
CA GLN A 573 8.57 26.38 -16.58
C GLN A 573 9.98 26.98 -16.59
N GLU A 574 10.17 28.16 -16.03
CA GLU A 574 11.49 28.79 -16.15
C GLU A 574 12.59 28.10 -15.31
N LEU A 575 12.19 27.46 -14.22
CA LEU A 575 13.13 26.67 -13.46
C LEU A 575 13.58 25.44 -14.27
N LYS A 576 12.61 24.76 -14.89
CA LYS A 576 12.91 23.62 -15.79
C LYS A 576 13.90 24.07 -16.85
N GLU A 577 13.60 25.18 -17.49
CA GLU A 577 14.35 25.57 -18.68
C GLU A 577 15.78 25.89 -18.39
N GLN A 578 16.06 26.37 -17.16
CA GLN A 578 17.43 26.61 -16.73
C GLN A 578 18.06 25.36 -16.06
N ILE A 579 17.19 24.50 -15.58
CA ILE A 579 17.61 23.39 -14.73
C ILE A 579 17.91 22.11 -15.51
N SER A 580 17.13 21.85 -16.54
CA SER A 580 17.32 20.65 -17.38
C SER A 580 18.74 20.56 -17.99
N PRO A 581 19.14 21.57 -18.77
CA PRO A 581 20.44 21.42 -19.43
C PRO A 581 21.63 21.19 -18.47
N VAL A 582 21.53 21.67 -17.23
CA VAL A 582 22.53 21.30 -16.23
C VAL A 582 22.38 19.78 -15.95
N ILE A 583 21.16 19.30 -15.69
CA ILE A 583 20.93 17.89 -15.34
C ILE A 583 21.51 16.94 -16.38
N GLN A 584 21.30 17.28 -17.66
CA GLN A 584 21.79 16.49 -18.80
C GLN A 584 23.28 16.66 -19.15
N ASN A 585 23.93 17.71 -18.63
CA ASN A 585 25.39 17.90 -18.77
C ASN A 585 26.09 16.74 -18.08
N LYS A 586 26.86 15.98 -18.85
CA LYS A 586 27.47 14.72 -18.36
C LYS A 586 28.62 14.99 -17.37
N GLU A 587 29.04 16.25 -17.26
CA GLU A 587 30.07 16.65 -16.31
C GLU A 587 29.52 17.04 -14.94
N THR A 588 28.22 17.32 -14.87
CA THR A 588 27.49 17.58 -13.60
C THR A 588 27.48 16.33 -12.69
N ASP A 589 27.89 16.48 -11.42
CA ASP A 589 28.00 15.30 -10.52
C ASP A 589 26.64 14.71 -10.06
N PRO A 590 26.59 13.40 -9.75
CA PRO A 590 25.31 12.82 -9.32
C PRO A 590 24.56 13.54 -8.19
N GLU A 591 25.25 13.97 -7.14
CA GLU A 591 24.58 14.55 -5.97
C GLU A 591 23.99 15.90 -6.24
N THR A 592 24.61 16.64 -7.16
CA THR A 592 24.08 17.90 -7.67
C THR A 592 22.79 17.65 -8.48
N LYS A 593 22.79 16.58 -9.28
CA LYS A 593 21.69 16.22 -10.15
C LYS A 593 20.47 15.90 -9.30
N SER A 594 20.61 14.93 -8.39
CA SER A 594 19.62 14.68 -7.36
C SER A 594 18.94 15.92 -6.83
N ARG A 595 19.76 16.85 -6.35
CA ARG A 595 19.24 18.03 -5.69
C ARG A 595 18.32 18.87 -6.59
N LEU A 596 18.69 19.08 -7.85
CA LEU A 596 17.86 19.92 -8.72
C LEU A 596 16.52 19.22 -8.98
N GLN A 597 16.63 17.96 -9.41
CA GLN A 597 15.54 17.07 -9.66
C GLN A 597 14.50 17.03 -8.52
N HIS A 598 14.97 16.74 -7.29
CA HIS A 598 14.14 16.75 -6.06
C HIS A 598 13.54 18.13 -5.87
N PHE A 599 14.32 19.18 -6.03
CA PHE A 599 13.74 20.47 -5.81
C PHE A 599 12.58 20.80 -6.79
N TYR A 600 12.80 20.53 -8.08
CA TYR A 600 11.79 20.75 -9.11
C TYR A 600 10.58 19.81 -8.93
N ASN A 601 10.85 18.51 -8.81
CA ASN A 601 9.79 17.52 -8.78
C ASN A 601 8.86 17.77 -7.59
N SER A 602 9.48 18.01 -6.46
CA SER A 602 8.72 18.44 -5.31
C SER A 602 7.80 19.65 -5.59
N CYS A 603 8.35 20.75 -6.04
CA CYS A 603 7.50 21.90 -6.42
C CYS A 603 6.43 21.57 -7.49
N ALA A 604 6.78 20.76 -8.50
CA ALA A 604 5.82 20.40 -9.57
C ALA A 604 4.65 19.60 -8.98
N TYR A 605 4.95 18.58 -8.20
CA TYR A 605 3.90 17.85 -7.50
C TYR A 605 2.96 18.76 -6.68
N LEU A 606 3.53 19.58 -5.81
CA LEU A 606 2.74 20.51 -5.02
C LEU A 606 1.81 21.35 -5.90
N THR A 607 2.37 22.01 -6.92
CA THR A 607 1.56 22.92 -7.70
C THR A 607 0.47 22.24 -8.47
N GLN A 608 0.75 21.08 -9.04
CA GLN A 608 -0.31 20.39 -9.76
C GLN A 608 -1.40 19.93 -8.79
N ALA A 609 -1.01 19.50 -7.59
CA ALA A 609 -2.02 19.17 -6.59
C ALA A 609 -2.92 20.38 -6.25
N GLN A 610 -2.28 21.52 -6.03
CA GLN A 610 -3.00 22.77 -5.78
C GLN A 610 -4.09 23.07 -6.81
N GLU A 611 -3.76 22.90 -8.09
CA GLU A 611 -4.72 23.16 -9.13
C GLU A 611 -5.90 22.21 -8.94
N LEU A 612 -5.63 20.92 -8.78
CA LEU A 612 -6.75 20.00 -8.67
C LEU A 612 -7.61 20.25 -7.44
N TYR A 613 -6.97 20.73 -6.36
CA TYR A 613 -7.62 20.87 -5.05
C TYR A 613 -8.38 22.18 -4.97
N TYR A 614 -7.67 23.28 -5.26
CA TYR A 614 -8.22 24.65 -5.22
C TYR A 614 -9.29 24.93 -6.30
N GLU A 615 -9.11 24.41 -7.50
CA GLU A 615 -10.16 24.54 -8.52
C GLU A 615 -11.23 23.46 -8.37
N ASN A 616 -11.03 22.54 -7.43
CA ASN A 616 -12.05 21.53 -7.12
C ASN A 616 -12.35 20.66 -8.34
N THR A 617 -11.30 20.23 -9.04
CA THR A 617 -11.47 19.42 -10.24
C THR A 617 -10.94 17.99 -10.05
N TRP A 618 -10.45 17.68 -8.85
CA TRP A 618 -9.80 16.41 -8.57
C TRP A 618 -10.74 15.28 -8.82
N HIS A 619 -12.04 15.57 -8.71
CA HIS A 619 -13.06 14.54 -8.75
C HIS A 619 -13.72 14.34 -10.10
N HIS A 620 -13.41 15.23 -11.06
CA HIS A 620 -13.82 14.95 -12.45
C HIS A 620 -13.25 13.61 -12.98
N GLY A 621 -14.00 12.89 -13.82
CA GLY A 621 -13.53 11.61 -14.39
C GLY A 621 -12.11 11.62 -14.96
N LYS A 622 -11.83 12.59 -15.81
CA LYS A 622 -10.53 12.73 -16.47
C LYS A 622 -9.34 12.96 -15.49
N ASN A 623 -9.64 13.39 -14.27
CA ASN A 623 -8.64 13.61 -13.22
C ASN A 623 -8.66 12.59 -12.14
N ASN A 624 -9.48 11.55 -12.32
CA ASN A 624 -9.67 10.58 -11.25
C ASN A 624 -8.52 10.11 -10.34
N PHE A 625 -7.36 9.72 -10.72
CA PHE A 625 -6.58 9.44 -9.40
C PHE A 625 -5.48 10.54 -9.09
N LYS A 626 -5.47 11.60 -9.88
CA LYS A 626 -4.33 12.54 -9.98
C LYS A 626 -3.92 13.23 -8.69
N LEU A 627 -4.89 13.74 -7.94
CA LEU A 627 -4.55 14.47 -6.72
C LEU A 627 -3.90 13.52 -5.71
N GLN A 628 -4.50 12.34 -5.57
CA GLN A 628 -3.98 11.30 -4.67
C GLN A 628 -2.56 10.86 -5.02
N THR A 629 -2.34 10.76 -6.33
CA THR A 629 -1.04 10.37 -6.90
C THR A 629 -0.02 11.47 -6.75
N LEU A 630 -0.49 12.70 -6.93
CA LEU A 630 0.40 13.83 -6.81
C LEU A 630 0.89 14.00 -5.36
N MET A 631 -0.01 13.92 -4.38
CA MET A 631 0.38 13.95 -2.94
C MET A 631 1.22 12.75 -2.47
N ALA A 632 0.91 11.53 -2.94
CA ALA A 632 1.73 10.38 -2.59
C ALA A 632 3.14 10.58 -3.11
N SER A 633 3.22 11.00 -4.37
CA SER A 633 4.47 11.29 -5.04
C SER A 633 5.26 12.36 -4.30
N LEU A 634 4.58 13.42 -3.90
CA LEU A 634 5.22 14.47 -3.15
C LEU A 634 5.81 13.97 -1.82
N SER A 635 5.06 13.11 -1.15
CA SER A 635 5.43 12.67 0.17
C SER A 635 6.65 11.77 0.05
N CYS A 636 6.61 10.98 -1.11
CA CYS A 636 7.81 10.19 -1.41
C CYS A 636 9.01 11.10 -1.76
N GLU A 637 8.95 12.20 -2.30
CA GLU A 637 10.04 13.18 -2.46
C GLU A 637 10.50 13.77 -1.11
N LEU A 638 9.58 13.91 -0.17
CA LEU A 638 9.91 14.58 1.09
C LEU A 638 10.44 13.53 2.00
N ASP A 639 10.53 12.30 1.43
CA ASP A 639 11.13 11.14 2.09
C ASP A 639 10.29 10.65 3.28
N TYR A 640 8.98 10.74 3.16
CA TYR A 640 8.05 10.12 4.08
C TYR A 640 7.81 8.68 3.62
N ALA A 641 7.26 7.82 4.47
CA ALA A 641 6.78 6.54 4.04
C ALA A 641 5.32 6.72 3.56
N ASN A 642 5.05 6.48 2.28
CA ASN A 642 3.65 6.57 1.77
C ASN A 642 2.87 5.23 1.88
N THR A 643 1.87 5.20 2.77
CA THR A 643 0.94 4.08 2.87
C THR A 643 -0.29 4.50 2.05
N LYS A 644 -0.92 3.54 1.40
CA LYS A 644 -2.09 3.85 0.59
C LYS A 644 -3.10 2.72 0.66
N GLY A 645 -4.38 3.07 0.68
CA GLY A 645 -5.37 2.03 0.86
C GLY A 645 -6.81 2.23 0.49
N SER A 646 -7.46 1.08 0.31
CA SER A 646 -8.90 0.96 0.25
C SER A 646 -9.23 -0.04 1.36
N LYS A 647 -10.43 -0.58 1.36
CA LYS A 647 -10.79 -1.51 2.42
C LYS A 647 -9.98 -2.82 2.48
N SER A 648 -9.83 -3.50 1.37
CA SER A 648 -9.10 -4.76 1.37
C SER A 648 -7.81 -4.62 0.61
N ASN A 649 -7.69 -3.45 0.01
CA ASN A 649 -6.63 -3.09 -0.90
C ASN A 649 -6.41 -3.99 -2.09
N ASN A 650 -7.44 -4.71 -2.49
CA ASN A 650 -7.33 -5.45 -3.76
C ASN A 650 -7.73 -4.63 -4.98
N ASP A 651 -8.47 -3.51 -4.75
CA ASP A 651 -9.11 -2.89 -5.86
C ASP A 651 -8.67 -1.43 -6.02
N ARG A 652 -9.28 -0.51 -5.26
CA ARG A 652 -8.99 0.92 -5.39
C ARG A 652 -7.51 1.25 -5.10
N GLY A 653 -6.99 0.69 -4.01
CA GLY A 653 -5.62 0.97 -3.58
C GLY A 653 -4.59 0.48 -4.58
N GLN A 654 -4.87 -0.67 -5.22
CA GLN A 654 -4.01 -1.15 -6.35
C GLN A 654 -4.00 -0.21 -7.55
N ARG A 655 -5.14 0.38 -7.91
CA ARG A 655 -5.15 1.31 -9.03
C ARG A 655 -4.39 2.60 -8.66
N LEU A 656 -4.34 2.97 -7.38
CA LEU A 656 -3.60 4.14 -6.99
C LEU A 656 -2.11 3.77 -7.12
N ALA A 657 -1.74 2.61 -6.57
CA ALA A 657 -0.34 2.15 -6.64
C ALA A 657 0.11 2.13 -8.09
N GLN A 658 -0.80 1.82 -9.02
CA GLN A 658 -0.42 1.70 -10.46
C GLN A 658 -0.04 3.09 -10.99
N LYS A 659 -0.86 4.08 -10.64
CA LYS A 659 -0.70 5.42 -11.09
C LYS A 659 0.58 6.00 -10.51
N ILE A 660 0.90 5.69 -9.26
CA ILE A 660 2.16 6.17 -8.64
C ILE A 660 3.43 5.48 -9.17
N VAL A 661 3.44 4.14 -9.23
CA VAL A 661 4.59 3.38 -9.71
C VAL A 661 4.84 3.73 -11.17
N GLY A 662 3.77 3.85 -11.96
CA GLY A 662 3.89 4.07 -13.37
C GLY A 662 4.44 5.46 -13.62
N ASN A 663 3.96 6.44 -12.85
CA ASN A 663 4.55 7.77 -12.90
C ASN A 663 6.01 7.81 -12.48
N ALA A 664 6.33 7.06 -11.42
CA ALA A 664 7.69 7.11 -10.87
C ALA A 664 8.58 6.52 -11.99
N LEU A 665 8.10 5.41 -12.62
CA LEU A 665 8.90 4.81 -13.69
C LEU A 665 9.07 5.73 -14.93
N TRP A 666 7.96 6.29 -15.39
CA TRP A 666 7.99 7.24 -16.49
C TRP A 666 8.95 8.39 -16.24
N THR A 667 8.85 8.98 -15.07
CA THR A 667 9.65 10.14 -14.75
C THR A 667 11.14 9.80 -14.62
N ALA A 668 11.45 8.72 -13.94
CA ALA A 668 12.82 8.35 -13.73
C ALA A 668 13.59 8.01 -15.04
N MET A 669 12.85 7.77 -16.11
CA MET A 669 13.46 7.33 -17.32
C MET A 669 13.50 8.44 -18.39
N SER A 670 13.08 9.64 -18.01
CA SER A 670 13.23 10.86 -18.79
C SER A 670 14.68 11.16 -19.12
N GLU A 671 14.90 12.01 -20.12
CA GLU A 671 16.22 12.67 -20.30
C GLU A 671 16.65 13.36 -19.00
N ASP A 672 15.67 14.00 -18.38
CA ASP A 672 15.75 14.89 -17.22
C ASP A 672 15.66 14.25 -15.85
N GLY A 673 14.71 13.32 -15.71
CA GLY A 673 14.24 12.88 -14.40
C GLY A 673 13.25 13.90 -13.86
N LEU A 674 12.71 14.74 -14.70
CA LEU A 674 11.83 15.79 -14.23
C LEU A 674 10.36 15.52 -14.62
N TYR A 675 9.48 15.68 -13.65
CA TYR A 675 8.07 15.36 -13.87
C TYR A 675 7.42 16.28 -14.90
N THR A 676 6.71 15.71 -15.87
CA THR A 676 5.94 16.47 -16.86
C THR A 676 4.46 16.19 -16.75
N GLY A 677 4.06 15.17 -15.98
CA GLY A 677 2.66 14.76 -15.92
C GLY A 677 2.08 13.95 -17.09
N GLU A 678 2.86 13.68 -18.14
CA GLU A 678 2.32 12.94 -19.27
C GLU A 678 1.72 11.61 -18.82
N PHE A 679 2.36 10.93 -17.86
CA PHE A 679 1.88 9.63 -17.51
C PHE A 679 0.50 9.73 -16.85
N LEU A 680 0.22 10.84 -16.18
CA LEU A 680 -1.13 11.09 -15.67
C LEU A 680 -2.11 11.69 -16.69
N ASP A 681 -1.65 12.66 -17.50
CA ASP A 681 -2.55 13.42 -18.39
C ASP A 681 -2.94 12.68 -19.67
N HIS A 682 -2.05 11.80 -20.14
CA HIS A 682 -2.24 11.13 -21.43
C HIS A 682 -3.49 10.31 -21.43
N ARG A 683 -4.26 10.49 -22.50
CA ARG A 683 -5.56 9.89 -22.64
C ARG A 683 -5.35 8.53 -23.31
N ARG A 684 -5.50 7.45 -22.55
CA ARG A 684 -5.34 6.11 -23.15
C ARG A 684 -6.38 5.85 -24.26
N THR A 685 -5.96 5.24 -25.37
CA THR A 685 -6.89 5.03 -26.49
C THR A 685 -7.20 3.55 -26.81
N HIS A 686 -6.53 2.59 -26.18
CA HIS A 686 -6.83 1.15 -26.40
C HIS A 686 -6.73 0.65 -27.83
N GLY A 687 -5.98 1.37 -28.65
CA GLY A 687 -5.87 1.05 -30.06
C GLY A 687 -4.82 0.01 -30.45
N LYS A 688 -4.75 -0.33 -31.73
CA LYS A 688 -3.72 -1.28 -32.13
C LYS A 688 -2.36 -0.59 -32.16
N GLU A 689 -2.32 0.74 -32.10
CA GLU A 689 -1.07 1.50 -32.06
C GLU A 689 -1.22 2.50 -30.93
N VAL A 690 -0.39 2.40 -29.89
CA VAL A 690 -0.52 3.31 -28.72
C VAL A 690 0.80 4.06 -28.43
N SER A 691 0.71 5.14 -27.67
CA SER A 691 1.89 5.91 -27.21
C SER A 691 2.83 5.14 -26.24
N ASN A 692 4.03 5.67 -25.99
CA ASN A 692 4.90 5.06 -25.00
C ASN A 692 4.27 5.01 -23.63
N VAL A 693 3.63 6.09 -23.17
CA VAL A 693 2.97 6.03 -21.86
C VAL A 693 1.94 4.91 -21.77
N GLU A 694 1.15 4.75 -22.83
CA GLU A 694 0.12 3.72 -22.79
C GLU A 694 0.80 2.33 -22.78
N GLN A 695 1.87 2.23 -23.53
CA GLN A 695 2.56 0.98 -23.58
C GLN A 695 3.12 0.60 -22.20
N LEU A 696 3.68 1.56 -21.46
CA LEU A 696 4.05 1.33 -20.05
C LEU A 696 2.82 0.95 -19.21
N ASP A 697 1.70 1.65 -19.41
CA ASP A 697 0.48 1.38 -18.64
C ASP A 697 0.00 -0.09 -18.76
N ARG A 698 0.13 -0.66 -19.95
CA ARG A 698 -0.25 -2.02 -20.25
C ARG A 698 0.44 -3.01 -19.35
N GLU A 699 1.63 -2.63 -18.93
CA GLU A 699 2.44 -3.48 -18.16
C GLU A 699 1.90 -3.59 -16.67
N LEU A 700 1.26 -2.54 -16.17
CA LEU A 700 1.09 -2.43 -14.75
C LEU A 700 0.03 -3.33 -14.06
N THR A 701 -0.90 -3.90 -14.82
CA THR A 701 -1.90 -4.76 -14.20
C THR A 701 -1.36 -6.11 -13.79
N THR A 702 -0.17 -6.45 -14.26
CA THR A 702 0.25 -7.80 -13.97
C THR A 702 0.58 -8.08 -12.51
N ILE A 703 1.30 -7.16 -11.83
CA ILE A 703 1.63 -7.34 -10.40
C ILE A 703 0.35 -7.32 -9.57
N GLN A 704 -0.64 -6.54 -10.00
CA GLN A 704 -1.96 -6.53 -9.42
C GLN A 704 -2.66 -7.90 -9.51
N ALA A 705 -2.55 -8.63 -10.64
CA ALA A 705 -3.24 -9.93 -10.71
C ALA A 705 -2.57 -10.90 -9.80
N LEU A 706 -1.24 -10.84 -9.74
CA LEU A 706 -0.48 -11.67 -8.80
C LEU A 706 -0.82 -11.38 -7.34
N HIS A 707 -0.78 -10.11 -6.94
CA HIS A 707 -1.15 -9.68 -5.63
C HIS A 707 -2.53 -10.12 -5.28
N HIS A 708 -3.47 -9.99 -6.19
CA HIS A 708 -4.84 -10.41 -5.93
C HIS A 708 -4.90 -11.89 -5.75
N THR A 709 -4.06 -12.63 -6.50
CA THR A 709 -4.21 -14.08 -6.44
C THR A 709 -3.77 -14.54 -5.05
N ALA A 710 -2.69 -13.90 -4.58
CA ALA A 710 -2.12 -14.19 -3.29
C ALA A 710 -3.08 -13.82 -2.15
N ASN A 711 -3.84 -12.76 -2.31
CA ASN A 711 -4.85 -12.51 -1.32
C ASN A 711 -6.07 -13.43 -1.38
N THR A 712 -6.56 -13.72 -2.59
CA THR A 712 -7.92 -14.25 -2.67
C THR A 712 -8.00 -15.67 -3.19
N GLY A 713 -6.89 -16.18 -3.75
CA GLY A 713 -6.95 -17.41 -4.51
C GLY A 713 -7.07 -17.27 -6.03
N VAL A 714 -7.44 -16.08 -6.50
CA VAL A 714 -7.81 -15.85 -7.91
C VAL A 714 -7.34 -14.46 -8.41
N SER A 715 -7.15 -14.30 -9.71
CA SER A 715 -6.64 -12.99 -10.17
C SER A 715 -7.68 -11.91 -9.96
N GLY A 716 -7.28 -10.65 -10.14
CA GLY A 716 -8.25 -9.67 -10.02
C GLY A 716 -7.71 -8.28 -9.87
N GLY A 717 -8.48 -7.57 -9.05
CA GLY A 717 -8.69 -6.21 -9.14
C GLY A 717 -10.06 -6.11 -9.79
N LYS A 718 -11.08 -5.64 -9.05
CA LYS A 718 -12.41 -5.38 -9.67
C LYS A 718 -12.83 -3.92 -9.56
N PHE A 719 -11.89 -3.00 -9.48
CA PHE A 719 -12.22 -1.58 -9.56
C PHE A 719 -13.05 -1.24 -10.81
N GLU A 720 -14.13 -0.50 -10.64
CA GLU A 720 -15.03 -0.13 -11.71
C GLU A 720 -14.45 1.18 -12.23
N ILE A 721 -13.84 1.09 -13.42
CA ILE A 721 -13.27 2.23 -14.11
C ILE A 721 -14.27 3.40 -14.31
N GLN A 722 -13.86 4.62 -13.96
CA GLN A 722 -14.80 5.72 -14.05
C GLN A 722 -14.66 6.45 -15.39
N ASP A 723 -13.43 6.52 -15.89
CA ASP A 723 -13.18 7.09 -17.18
C ASP A 723 -12.17 6.20 -17.95
N LYS A 724 -12.63 5.55 -19.03
CA LYS A 724 -11.84 4.50 -19.70
C LYS A 724 -10.47 5.03 -20.15
N ALA A 725 -10.40 6.35 -20.36
CA ALA A 725 -9.16 6.94 -20.82
C ALA A 725 -8.06 7.05 -19.72
N ASN A 726 -8.38 6.76 -18.47
CA ASN A 726 -7.41 6.71 -17.39
C ASN A 726 -6.57 5.44 -17.34
N PHE A 727 -6.94 4.38 -18.03
CA PHE A 727 -6.24 3.11 -17.89
C PHE A 727 -6.16 2.33 -19.21
N ALA A 728 -5.02 1.69 -19.47
CA ALA A 728 -4.80 0.89 -20.70
C ALA A 728 -5.69 -0.34 -20.78
N ASP A 729 -6.01 -0.96 -19.64
CA ASP A 729 -6.78 -2.18 -19.64
C ASP A 729 -8.26 -1.86 -19.58
N ASN A 730 -9.09 -2.86 -19.84
CA ASN A 730 -10.52 -2.71 -19.90
C ASN A 730 -11.29 -3.27 -18.67
N GLY A 731 -10.58 -3.63 -17.60
CA GLY A 731 -11.18 -4.12 -16.38
C GLY A 731 -11.55 -5.61 -16.36
N LEU A 732 -11.25 -6.36 -17.42
CA LEU A 732 -11.67 -7.74 -17.42
C LEU A 732 -11.15 -8.63 -16.29
N PHE A 733 -10.01 -8.32 -15.63
CA PHE A 733 -9.60 -9.07 -14.46
C PHE A 733 -10.66 -8.95 -13.35
N GLY A 734 -11.55 -7.96 -13.48
CA GLY A 734 -12.61 -7.73 -12.50
C GLY A 734 -13.61 -8.86 -12.53
N LYS A 735 -13.89 -9.40 -13.72
CA LYS A 735 -14.90 -10.46 -13.84
C LYS A 735 -14.40 -11.79 -13.24
N VAL A 736 -13.08 -12.03 -13.34
CA VAL A 736 -12.40 -13.15 -12.72
C VAL A 736 -12.41 -12.98 -11.19
N ALA A 737 -12.11 -11.75 -10.75
CA ALA A 737 -12.15 -11.39 -9.30
C ALA A 737 -13.46 -11.80 -8.61
N ASN A 738 -14.58 -11.68 -9.32
CA ASN A 738 -15.85 -12.22 -8.85
C ASN A 738 -15.85 -13.68 -8.43
N PHE A 739 -14.87 -14.49 -8.88
CA PHE A 739 -14.82 -15.88 -8.44
C PHE A 739 -14.58 -16.00 -6.95
N ALA A 740 -13.86 -15.03 -6.38
CA ALA A 740 -13.55 -15.00 -4.96
C ALA A 740 -14.76 -14.65 -4.09
N LYS A 741 -15.80 -14.06 -4.68
CA LYS A 741 -17.07 -13.90 -3.95
C LYS A 741 -17.81 -15.24 -3.77
N ILE A 742 -18.28 -15.80 -4.89
CA ILE A 742 -19.02 -17.07 -4.92
C ILE A 742 -18.49 -18.16 -4.00
#